data_5T94
#
_entry.id   5T94
#
_cell.length_a   91.050
_cell.length_b   99.200
_cell.length_c   125.030
_cell.angle_alpha   90.00
_cell.angle_beta   90.00
_cell.angle_gamma   90.00
#
_symmetry.space_group_name_H-M   'P 21 21 21'
#
loop_
_entity.id
_entity.type
_entity.pdbx_description
1 polymer 'Guanine nucleotide exchange factor SRM1'
2 polymer 'Importin subunit alpha'
3 water water
#
loop_
_entity_poly.entity_id
_entity_poly.type
_entity_poly.pdbx_seq_one_letter_code
_entity_poly.pdbx_strand_id
1 'polypeptide(L)'
;MVKRTVATNGDASGAHRAKKMSKTHASHIINAQEDYKHMYLSVQPLDIFCWGTGSMCELGLGPLAKNKEVKRPRLNPFLP
RDEAKIISFAVGGMHTLALDEESNVWSWGCNDVGALGRDTSNAKEQLKDMDADDSSDDEDGDLNELESTPAKIPRESFPP
LAEGHKVVQLAATDNMSCALFSNGEVYAWGTFRCNEGILGFYQDKIKIQKTPWKVPTFSKYNIVQLAPGKDHILFLDEEG
MVFAWGNGQQNQLGRKVMERFRLKTLDPRPFGLRHVKYIASGENHCFALTKDNKLVSWGLNQFGQCGVSEDVEDGALVTK
PKRLALPDNVVIRSIAAGEHHSLILSQDGDLYSCGRLDMFEVGIPKDNLPEYTYKDVHGKARAVPLPTKLNNVPKFKSVA
AGSHHSVAVAQNGIAYSWGFGETYAVGLGPFEDDTEVPTRIKNTATQDHNIILVGCGGQFSVSGGVKLSDEDAEKRADEM
DD
;
A
2 'polypeptide(L)'
;MDNGTDSSTSKFVPEYRRTNFKNKGRFSADELRRRRDTQQVELRKAKRDEALAKRRNFIPPTDGADSDEEDESSVSADQQ
FYSQLQQELPQMTQQLNSDDMQEQLSATVKFRQILSREHRPPIDVVIQAGVVPRLVEFMRENQPEMLQLEAAWALTNIAS
GTSAQTKVVVDADAVPLFIQLLYTGSVEVKEQAIWALGNVAGDSTDYRDYVLQCNAMEPILGLFNSNKPSLIRTATWTLS
NLCRGKKPQPDWSVVSQALPTLAKLIYSMDTETLVDACWAISYLSDGPQEAIQAVIDVRIPKRLVELLSHESTLVQTPAL
RAVGNIVTGNDLQTQVVINAGVLPALRLLLSSPKENIKKEACWTISNITAGNTEQIQAVIDANLIPPLVKLLEVAEYKTK
KEACWAISNASSGGLQRPDIIRYLVSQGCIKPLCDLLEIADNRIIEVTLDALENILKMGEADKEARGLNINENADFIEKA
GGMEKIFNCQQNENDKIYEKAYKIIETYFGEEEDAVDETMAPQNAGNTFGFGSNVNQQFNFN
;
B
#
# COMPACT_ATOMS: atom_id res chain seq x y z
N VAL A 2 36.86 30.46 4.89
CA VAL A 2 37.25 30.04 6.24
C VAL A 2 36.91 28.57 6.44
N LYS A 3 35.65 28.21 6.23
CA LYS A 3 35.20 26.83 6.35
C LYS A 3 34.60 26.36 5.04
N ARG A 4 34.85 25.10 4.71
CA ARG A 4 34.54 24.53 3.41
C ARG A 4 33.22 23.80 3.44
N THR A 5 32.45 23.96 2.36
CA THR A 5 31.13 23.34 2.22
C THR A 5 31.13 22.44 1.00
N VAL A 6 30.95 21.14 1.22
CA VAL A 6 30.86 20.18 0.12
C VAL A 6 29.73 19.19 0.38
N HIS A 16 22.98 6.20 -5.77
CA HIS A 16 22.48 7.37 -5.04
C HIS A 16 21.09 7.09 -4.49
N ARG A 17 20.36 8.15 -4.16
CA ARG A 17 19.01 8.04 -3.63
C ARG A 17 17.99 8.36 -4.71
N ALA A 18 16.88 7.64 -4.70
CA ALA A 18 15.87 7.76 -5.75
C ALA A 18 14.98 8.97 -5.51
N LYS A 19 14.71 9.70 -6.59
CA LYS A 19 13.82 10.86 -6.55
C LYS A 19 12.38 10.48 -6.88
N LYS A 20 12.20 9.57 -7.83
CA LYS A 20 10.88 9.05 -8.18
C LYS A 20 10.73 7.62 -7.68
N MET A 21 9.48 7.18 -7.59
CA MET A 21 9.19 5.88 -6.99
C MET A 21 7.77 5.44 -7.30
N SER A 22 7.63 4.39 -8.10
CA SER A 22 6.32 3.82 -8.38
C SER A 22 5.82 3.03 -7.18
N LYS A 23 4.51 3.08 -6.95
CA LYS A 23 3.87 2.35 -5.87
C LYS A 23 3.39 1.01 -6.42
N THR A 24 4.10 -0.06 -6.09
CA THR A 24 3.81 -1.39 -6.58
C THR A 24 3.55 -2.33 -5.40
N HIS A 25 3.46 -3.62 -5.69
CA HIS A 25 3.31 -4.62 -4.64
C HIS A 25 4.63 -4.81 -3.90
N ALA A 26 4.52 -5.17 -2.62
CA ALA A 26 5.66 -5.31 -1.72
C ALA A 26 5.90 -6.78 -1.42
N SER A 27 7.11 -7.25 -1.76
CA SER A 27 7.59 -8.60 -1.44
C SER A 27 6.68 -9.64 -2.07
N HIS A 28 6.05 -10.52 -1.30
CA HIS A 28 5.26 -11.63 -1.80
C HIS A 28 3.79 -11.27 -2.00
N ILE A 29 3.42 -10.00 -1.86
CA ILE A 29 2.02 -9.61 -1.89
C ILE A 29 1.50 -9.71 -3.32
N ILE A 30 0.47 -10.52 -3.52
CA ILE A 30 -0.19 -10.67 -4.81
C ILE A 30 -1.44 -9.81 -4.90
N ASN A 31 -2.17 -9.67 -3.79
CA ASN A 31 -3.47 -9.02 -3.78
C ASN A 31 -3.48 -7.85 -2.80
N ALA A 32 -4.35 -6.89 -3.10
CA ALA A 32 -4.62 -5.76 -2.21
C ALA A 32 -6.12 -5.60 -2.06
N GLN A 33 -6.54 -5.14 -0.87
CA GLN A 33 -7.97 -5.02 -0.59
C GLN A 33 -8.66 -4.08 -1.57
N GLU A 34 -7.94 -3.07 -2.09
CA GLU A 34 -8.53 -2.16 -3.07
C GLU A 34 -8.94 -2.88 -4.35
N ASP A 35 -8.34 -4.04 -4.64
CA ASP A 35 -8.73 -4.81 -5.81
C ASP A 35 -10.09 -5.48 -5.65
N TYR A 36 -10.69 -5.42 -4.46
CA TYR A 36 -11.91 -6.17 -4.18
C TYR A 36 -13.08 -5.30 -3.74
N LYS A 37 -12.84 -4.21 -3.01
CA LYS A 37 -13.95 -3.45 -2.44
C LYS A 37 -14.82 -2.80 -3.50
N HIS A 38 -14.31 -2.64 -4.73
CA HIS A 38 -15.16 -2.14 -5.80
C HIS A 38 -16.22 -3.17 -6.21
N MET A 39 -15.99 -4.45 -5.90
CA MET A 39 -16.96 -5.49 -6.21
C MET A 39 -18.11 -5.53 -5.23
N TYR A 40 -17.87 -5.19 -3.97
CA TYR A 40 -18.85 -5.37 -2.90
C TYR A 40 -19.45 -4.08 -2.40
N LEU A 41 -18.67 -3.03 -2.21
CA LEU A 41 -19.17 -1.77 -1.68
C LEU A 41 -19.57 -0.87 -2.83
N SER A 42 -20.83 -0.43 -2.83
CA SER A 42 -21.28 0.50 -3.85
C SER A 42 -20.68 1.88 -3.62
N VAL A 43 -20.55 2.64 -4.71
CA VAL A 43 -19.93 3.97 -4.62
C VAL A 43 -20.90 5.04 -4.17
N GLN A 44 -22.18 4.72 -4.07
CA GLN A 44 -23.22 5.66 -3.67
C GLN A 44 -24.33 4.91 -2.97
N PRO A 45 -25.06 5.57 -2.07
CA PRO A 45 -26.16 4.87 -1.36
C PRO A 45 -27.18 4.31 -2.33
N LEU A 46 -27.79 3.20 -1.94
CA LEU A 46 -28.66 2.42 -2.81
C LEU A 46 -30.06 2.32 -2.22
N ASP A 47 -31.05 2.29 -3.12
CA ASP A 47 -32.39 1.85 -2.77
C ASP A 47 -32.40 0.32 -2.73
N ILE A 48 -32.85 -0.24 -1.61
CA ILE A 48 -32.82 -1.68 -1.41
C ILE A 48 -34.18 -2.25 -1.80
N PHE A 49 -34.15 -3.37 -2.52
CA PHE A 49 -35.36 -4.03 -3.01
C PHE A 49 -35.30 -5.50 -2.68
N CYS A 50 -36.39 -6.04 -2.13
CA CYS A 50 -36.46 -7.43 -1.73
C CYS A 50 -37.66 -8.11 -2.38
N TRP A 51 -37.49 -9.39 -2.69
CA TRP A 51 -38.58 -10.18 -3.23
C TRP A 51 -38.31 -11.66 -2.96
N GLY A 52 -39.38 -12.46 -3.06
CA GLY A 52 -39.32 -13.86 -2.71
C GLY A 52 -40.27 -14.16 -1.58
N THR A 53 -40.01 -15.22 -0.81
CA THR A 53 -40.81 -15.57 0.35
C THR A 53 -40.02 -15.30 1.61
N GLY A 54 -40.64 -14.58 2.55
CA GLY A 54 -40.01 -14.30 3.82
C GLY A 54 -40.58 -15.12 4.95
N SER A 55 -40.81 -16.41 4.71
CA SER A 55 -41.38 -17.29 5.72
C SER A 55 -40.49 -17.37 6.96
N MET A 56 -39.20 -17.18 6.79
CA MET A 56 -38.24 -17.18 7.89
C MET A 56 -37.59 -15.81 8.03
N CYS A 57 -38.38 -14.75 7.81
CA CYS A 57 -37.97 -13.36 8.01
C CYS A 57 -36.87 -12.93 7.05
N GLU A 58 -36.73 -13.59 5.90
CA GLU A 58 -35.64 -13.25 4.99
C GLU A 58 -35.88 -11.93 4.29
N LEU A 59 -37.14 -11.64 3.93
CA LEU A 59 -37.42 -10.46 3.13
C LEU A 59 -37.13 -9.15 3.84
N GLY A 60 -37.15 -9.15 5.18
CA GLY A 60 -36.90 -7.92 5.92
C GLY A 60 -37.88 -6.82 5.60
N LEU A 61 -39.16 -7.16 5.45
CA LEU A 61 -40.19 -6.18 5.08
C LEU A 61 -41.22 -5.95 6.17
N GLY A 62 -41.00 -6.50 7.37
CA GLY A 62 -41.92 -6.28 8.46
C GLY A 62 -42.58 -7.56 8.94
N PRO A 63 -43.28 -7.48 10.07
CA PRO A 63 -43.90 -8.68 10.64
C PRO A 63 -45.22 -9.08 9.99
N LEU A 64 -45.86 -8.19 9.24
CA LEU A 64 -47.17 -8.49 8.68
C LEU A 64 -47.09 -9.65 7.69
N ALA A 65 -48.09 -10.54 7.75
CA ALA A 65 -48.12 -11.68 6.86
C ALA A 65 -48.31 -11.26 5.40
N LYS A 66 -48.83 -10.06 5.16
CA LYS A 66 -48.93 -9.55 3.80
C LYS A 66 -47.57 -9.43 3.14
N ASN A 67 -46.53 -9.19 3.93
CA ASN A 67 -45.17 -9.02 3.43
C ASN A 67 -44.36 -10.31 3.47
N LYS A 68 -44.98 -11.44 3.81
CA LYS A 68 -44.24 -12.70 3.85
C LYS A 68 -43.90 -13.20 2.45
N GLU A 69 -44.68 -12.82 1.45
CA GLU A 69 -44.52 -13.33 0.09
C GLU A 69 -44.65 -12.16 -0.87
N VAL A 70 -43.55 -11.84 -1.56
CA VAL A 70 -43.50 -10.72 -2.49
C VAL A 70 -42.97 -11.24 -3.82
N LYS A 71 -43.79 -11.14 -4.87
CA LYS A 71 -43.53 -11.77 -6.14
C LYS A 71 -42.84 -10.87 -7.16
N ARG A 72 -42.64 -9.59 -6.81
CA ARG A 72 -41.89 -8.65 -7.64
C ARG A 72 -41.04 -7.78 -6.73
N PRO A 73 -39.92 -7.25 -7.24
CA PRO A 73 -39.05 -6.41 -6.39
C PRO A 73 -39.79 -5.27 -5.72
N ARG A 74 -39.70 -5.22 -4.39
CA ARG A 74 -40.41 -4.22 -3.59
C ARG A 74 -39.38 -3.40 -2.81
N LEU A 75 -39.55 -2.07 -2.84
CA LEU A 75 -38.64 -1.21 -2.12
C LEU A 75 -38.74 -1.45 -0.62
N ASN A 76 -37.60 -1.60 0.04
CA ASN A 76 -37.55 -1.84 1.47
C ASN A 76 -37.53 -0.49 2.19
N PRO A 77 -38.63 -0.06 2.82
CA PRO A 77 -38.61 1.23 3.52
C PRO A 77 -37.80 1.20 4.80
N PHE A 78 -37.51 0.02 5.35
CA PHE A 78 -36.65 -0.07 6.53
C PHE A 78 -35.20 0.24 6.21
N LEU A 79 -34.82 0.32 4.93
CA LEU A 79 -33.48 0.74 4.51
C LEU A 79 -33.62 1.92 3.56
N PRO A 80 -34.02 3.09 4.06
CA PRO A 80 -34.16 4.25 3.18
C PRO A 80 -32.81 4.75 2.70
N ARG A 81 -32.76 5.10 1.41
CA ARG A 81 -31.52 5.59 0.82
C ARG A 81 -31.08 6.91 1.46
N ASP A 82 -32.03 7.70 1.95
CA ASP A 82 -31.70 9.03 2.45
C ASP A 82 -31.04 9.00 3.83
N GLU A 83 -31.43 8.07 4.69
CA GLU A 83 -30.93 8.08 6.07
C GLU A 83 -30.21 6.80 6.46
N ALA A 84 -30.71 5.63 6.05
CA ALA A 84 -29.98 4.39 6.33
C ALA A 84 -28.70 4.33 5.51
N LYS A 85 -28.79 4.64 4.21
CA LYS A 85 -27.64 4.75 3.31
C LYS A 85 -26.88 3.42 3.22
N ILE A 86 -27.59 2.38 2.79
CA ILE A 86 -26.99 1.07 2.65
C ILE A 86 -26.05 1.07 1.45
N ILE A 87 -24.80 0.66 1.69
CA ILE A 87 -23.76 0.70 0.67
C ILE A 87 -23.47 -0.69 0.11
N SER A 88 -23.43 -1.71 0.96
CA SER A 88 -23.19 -3.07 0.53
C SER A 88 -24.10 -4.01 1.31
N PHE A 89 -24.28 -5.22 0.77
CA PHE A 89 -25.04 -6.24 1.48
C PHE A 89 -24.57 -7.62 1.04
N ALA A 90 -24.61 -8.56 1.97
CA ALA A 90 -24.23 -9.95 1.72
C ALA A 90 -25.41 -10.84 2.13
N VAL A 91 -25.93 -11.60 1.17
CA VAL A 91 -27.12 -12.42 1.38
C VAL A 91 -26.68 -13.85 1.67
N GLY A 92 -27.12 -14.39 2.80
CA GLY A 92 -26.82 -15.76 3.15
C GLY A 92 -27.83 -16.73 2.57
N GLY A 93 -28.33 -17.64 3.39
CA GLY A 93 -29.34 -18.59 2.94
C GLY A 93 -30.71 -18.26 3.50
N MET A 94 -30.73 -17.76 4.73
CA MET A 94 -31.97 -17.36 5.40
C MET A 94 -31.85 -16.01 6.07
N HIS A 95 -30.77 -15.26 5.80
CA HIS A 95 -30.56 -13.96 6.40
C HIS A 95 -29.58 -13.18 5.53
N THR A 96 -29.54 -11.87 5.72
CA THR A 96 -28.59 -11.02 5.01
C THR A 96 -27.97 -10.03 5.98
N LEU A 97 -26.80 -9.52 5.59
CA LEU A 97 -26.13 -8.44 6.28
C LEU A 97 -25.99 -7.26 5.33
N ALA A 98 -25.71 -6.09 5.89
CA ALA A 98 -25.57 -4.88 5.08
C ALA A 98 -24.89 -3.80 5.91
N LEU A 99 -23.92 -3.11 5.32
CA LEU A 99 -23.25 -1.99 5.97
C LEU A 99 -23.68 -0.68 5.33
N ASP A 100 -23.68 0.38 6.14
CA ASP A 100 -24.08 1.70 5.69
C ASP A 100 -22.84 2.53 5.35
N GLU A 101 -23.04 3.82 5.10
CA GLU A 101 -21.93 4.70 4.73
C GLU A 101 -21.04 5.02 5.92
N GLU A 102 -21.48 4.76 7.15
CA GLU A 102 -20.67 4.95 8.34
C GLU A 102 -20.15 3.62 8.89
N SER A 103 -20.19 2.55 8.09
CA SER A 103 -19.62 1.25 8.43
C SER A 103 -20.32 0.61 9.63
N ASN A 104 -21.64 0.70 9.66
CA ASN A 104 -22.46 -0.02 10.62
C ASN A 104 -23.17 -1.16 9.89
N VAL A 105 -22.98 -2.38 10.36
CA VAL A 105 -23.55 -3.54 9.68
C VAL A 105 -25.00 -3.71 10.14
N TRP A 106 -25.90 -3.87 9.19
CA TRP A 106 -27.29 -4.18 9.45
C TRP A 106 -27.50 -5.69 9.40
N SER A 107 -28.68 -6.12 9.83
CA SER A 107 -28.93 -7.55 9.94
C SER A 107 -30.43 -7.81 9.98
N TRP A 108 -30.85 -8.85 9.26
CA TRP A 108 -32.24 -9.30 9.30
C TRP A 108 -32.31 -10.71 8.72
N GLY A 109 -33.14 -11.54 9.33
CA GLY A 109 -33.32 -12.91 8.87
C GLY A 109 -33.68 -13.81 10.04
N CYS A 110 -33.19 -15.05 9.97
CA CYS A 110 -33.45 -16.05 10.99
C CYS A 110 -32.32 -16.05 12.02
N ASN A 111 -32.68 -15.98 13.30
CA ASN A 111 -31.72 -15.87 14.39
C ASN A 111 -31.78 -17.07 15.33
N ASP A 112 -32.07 -18.26 14.79
CA ASP A 112 -32.11 -19.45 15.61
C ASP A 112 -30.72 -19.85 16.10
N VAL A 113 -29.66 -19.43 15.40
CA VAL A 113 -28.30 -19.81 15.76
C VAL A 113 -27.43 -18.56 15.84
N GLY A 114 -28.06 -17.40 16.06
CA GLY A 114 -27.30 -16.18 16.27
C GLY A 114 -26.58 -15.67 15.04
N ALA A 115 -27.06 -16.00 13.84
CA ALA A 115 -26.41 -15.50 12.63
C ALA A 115 -26.61 -14.01 12.44
N LEU A 116 -27.56 -13.40 13.15
CA LEU A 116 -27.83 -11.98 12.99
C LEU A 116 -26.95 -11.10 13.88
N GLY A 117 -26.17 -11.69 14.79
CA GLY A 117 -25.25 -10.91 15.60
C GLY A 117 -25.90 -9.91 16.52
N ARG A 118 -27.20 -10.04 16.77
CA ARG A 118 -27.89 -9.11 17.64
C ARG A 118 -28.98 -9.85 18.40
N ASP A 119 -29.52 -9.20 19.42
CA ASP A 119 -30.56 -9.83 20.23
C ASP A 119 -31.91 -9.69 19.53
N THR A 120 -32.77 -10.68 19.78
CA THR A 120 -34.08 -10.81 19.13
C THR A 120 -35.23 -10.98 20.12
N SER A 121 -35.02 -11.67 21.24
CA SER A 121 -36.12 -11.94 22.17
C SER A 121 -36.78 -10.65 22.65
N ASN A 122 -38.08 -10.76 22.96
CA ASN A 122 -38.92 -9.65 23.42
C ASN A 122 -38.66 -8.35 22.65
N GLY A 141 -49.66 -9.88 11.63
CA GLY A 141 -48.85 -10.84 10.92
C GLY A 141 -48.27 -11.93 11.81
N ASP A 142 -47.50 -12.84 11.21
CA ASP A 142 -46.91 -13.95 11.95
C ASP A 142 -45.43 -13.75 12.27
N LEU A 143 -44.72 -12.94 11.50
CA LEU A 143 -43.28 -12.84 11.65
C LEU A 143 -42.90 -12.06 12.90
N ASN A 144 -41.69 -12.32 13.38
CA ASN A 144 -41.11 -11.57 14.49
C ASN A 144 -40.67 -10.20 13.99
N GLU A 145 -41.15 -9.14 14.65
CA GLU A 145 -40.81 -7.80 14.20
C GLU A 145 -39.31 -7.52 14.32
N LEU A 146 -38.65 -8.10 15.34
CA LEU A 146 -37.22 -7.87 15.49
C LEU A 146 -36.41 -8.59 14.43
N GLU A 147 -36.86 -9.77 13.99
CA GLU A 147 -36.20 -10.52 12.94
C GLU A 147 -36.62 -10.08 11.55
N SER A 148 -37.88 -9.71 11.36
CA SER A 148 -38.38 -9.36 10.04
C SER A 148 -38.15 -7.90 9.68
N THR A 149 -37.58 -7.10 10.58
CA THR A 149 -37.27 -5.72 10.27
C THR A 149 -35.78 -5.47 10.45
N PRO A 150 -35.09 -4.94 9.44
CA PRO A 150 -33.66 -4.70 9.58
C PRO A 150 -33.35 -3.65 10.65
N ALA A 151 -32.22 -3.86 11.33
CA ALA A 151 -31.73 -2.91 12.31
C ALA A 151 -30.23 -3.13 12.47
N LYS A 152 -29.57 -2.12 13.03
CA LYS A 152 -28.12 -2.14 13.15
C LYS A 152 -27.67 -3.09 14.25
N ILE A 153 -26.47 -3.64 14.08
CA ILE A 153 -25.78 -4.37 15.14
C ILE A 153 -25.10 -3.32 16.01
N PRO A 154 -25.12 -3.46 17.34
CA PRO A 154 -24.46 -2.47 18.20
C PRO A 154 -23.02 -2.21 17.78
N ARG A 155 -22.70 -0.92 17.60
CA ARG A 155 -21.38 -0.54 17.12
C ARG A 155 -20.29 -0.96 18.09
N GLU A 156 -20.61 -1.05 19.38
CA GLU A 156 -19.64 -1.46 20.38
C GLU A 156 -19.22 -2.93 20.21
N SER A 157 -19.99 -3.71 19.46
CA SER A 157 -19.64 -5.10 19.20
C SER A 157 -18.45 -5.24 18.28
N PHE A 158 -18.03 -4.17 17.60
CA PHE A 158 -16.89 -4.18 16.68
C PHE A 158 -15.83 -3.23 17.22
N PRO A 159 -14.87 -3.74 18.00
CA PRO A 159 -13.77 -2.89 18.48
C PRO A 159 -13.01 -2.20 17.36
N PRO A 160 -12.77 -2.85 16.21
CA PRO A 160 -12.07 -2.14 15.13
C PRO A 160 -12.76 -0.85 14.68
N LEU A 161 -14.08 -0.77 14.80
CA LEU A 161 -14.78 0.47 14.44
C LEU A 161 -14.34 1.62 15.34
N ALA A 162 -14.18 1.35 16.65
CA ALA A 162 -13.71 2.37 17.57
C ALA A 162 -12.24 2.71 17.35
N GLU A 163 -11.47 1.80 16.74
CA GLU A 163 -10.05 2.01 16.46
C GLU A 163 -9.81 2.65 15.10
N GLY A 164 -10.85 3.20 14.47
CA GLY A 164 -10.69 3.86 13.19
C GLY A 164 -10.49 2.90 12.04
N HIS A 165 -11.40 1.95 11.89
CA HIS A 165 -11.36 1.00 10.79
C HIS A 165 -12.76 0.83 10.22
N LYS A 166 -12.83 0.39 8.96
CA LYS A 166 -14.08 0.20 8.25
C LYS A 166 -14.20 -1.24 7.77
N VAL A 167 -15.44 -1.66 7.55
CA VAL A 167 -15.73 -2.98 7.00
C VAL A 167 -15.69 -2.87 5.47
N VAL A 168 -14.83 -3.66 4.84
CA VAL A 168 -14.68 -3.62 3.38
C VAL A 168 -15.43 -4.74 2.68
N GLN A 169 -15.93 -5.73 3.41
CA GLN A 169 -16.71 -6.80 2.80
C GLN A 169 -17.48 -7.54 3.88
N LEU A 170 -18.69 -7.97 3.54
CA LEU A 170 -19.51 -8.81 4.40
C LEU A 170 -19.73 -10.16 3.73
N ALA A 171 -19.92 -11.19 4.55
CA ALA A 171 -20.20 -12.52 4.06
C ALA A 171 -21.24 -13.18 4.97
N ALA A 172 -22.09 -14.00 4.37
CA ALA A 172 -23.15 -14.67 5.11
C ALA A 172 -23.38 -16.04 4.52
N THR A 173 -23.30 -17.06 5.36
CA THR A 173 -23.60 -18.43 4.97
C THR A 173 -25.05 -18.75 5.36
N ASP A 174 -25.36 -20.04 5.52
CA ASP A 174 -26.69 -20.41 5.96
C ASP A 174 -26.92 -20.04 7.42
N ASN A 175 -25.90 -20.26 8.27
CA ASN A 175 -26.07 -20.07 9.71
C ASN A 175 -24.90 -19.34 10.34
N MET A 176 -24.09 -18.63 9.56
CA MET A 176 -22.90 -17.97 10.08
C MET A 176 -22.65 -16.70 9.28
N SER A 177 -22.27 -15.63 10.00
CA SER A 177 -21.95 -14.35 9.38
C SER A 177 -20.49 -14.01 9.63
N CYS A 178 -19.97 -13.11 8.81
CA CYS A 178 -18.55 -12.76 8.86
C CYS A 178 -18.35 -11.36 8.30
N ALA A 179 -17.46 -10.60 8.94
CA ALA A 179 -17.15 -9.23 8.53
C ALA A 179 -15.65 -9.06 8.41
N LEU A 180 -15.21 -8.60 7.23
CA LEU A 180 -13.80 -8.35 6.97
C LEU A 180 -13.53 -6.85 7.09
N PHE A 181 -12.49 -6.51 7.84
CA PHE A 181 -12.14 -5.12 8.09
C PHE A 181 -10.96 -4.67 7.24
N SER A 182 -10.78 -3.36 7.16
CA SER A 182 -9.74 -2.77 6.33
C SER A 182 -8.33 -3.00 6.89
N ASN A 183 -8.21 -3.48 8.12
CA ASN A 183 -6.91 -3.77 8.71
C ASN A 183 -6.53 -5.24 8.64
N GLY A 184 -7.38 -6.07 8.03
CA GLY A 184 -7.13 -7.49 7.93
C GLY A 184 -7.75 -8.32 9.03
N GLU A 185 -8.31 -7.69 10.06
CA GLU A 185 -8.98 -8.44 11.12
C GLU A 185 -10.32 -8.96 10.63
N VAL A 186 -10.72 -10.12 11.17
CA VAL A 186 -11.92 -10.81 10.76
C VAL A 186 -12.80 -11.04 11.98
N TYR A 187 -14.06 -10.63 11.89
CA TYR A 187 -15.06 -10.87 12.92
C TYR A 187 -16.14 -11.77 12.35
N ALA A 188 -16.56 -12.76 13.15
CA ALA A 188 -17.53 -13.74 12.68
C ALA A 188 -18.40 -14.17 13.85
N TRP A 189 -19.59 -14.67 13.51
CA TRP A 189 -20.54 -15.18 14.49
C TRP A 189 -21.48 -16.14 13.78
N GLY A 190 -22.33 -16.80 14.57
CA GLY A 190 -23.17 -17.87 14.08
C GLY A 190 -22.54 -19.23 14.31
N THR A 191 -22.96 -20.19 13.47
CA THR A 191 -22.41 -21.54 13.51
C THR A 191 -22.35 -22.12 12.11
N PHE A 192 -21.64 -23.23 11.99
CA PHE A 192 -21.70 -24.11 10.84
C PHE A 192 -22.47 -25.36 11.22
N ARG A 193 -23.16 -25.96 10.25
CA ARG A 193 -23.97 -27.14 10.47
C ARG A 193 -23.42 -28.30 9.65
N CYS A 194 -23.20 -29.44 10.31
CA CYS A 194 -22.94 -30.68 9.59
C CYS A 194 -24.28 -31.22 9.09
N ASN A 195 -24.28 -32.41 8.50
CA ASN A 195 -25.51 -32.95 7.95
C ASN A 195 -26.45 -33.42 9.05
N GLU A 196 -25.91 -34.00 10.12
CA GLU A 196 -26.73 -34.48 11.22
C GLU A 196 -27.31 -33.33 12.03
N GLY A 197 -26.51 -32.76 12.93
CA GLY A 197 -26.98 -31.66 13.75
C GLY A 197 -26.14 -30.40 13.58
N ILE A 198 -25.77 -29.77 14.69
CA ILE A 198 -24.95 -28.57 14.66
C ILE A 198 -23.49 -28.98 14.85
N LEU A 199 -22.63 -28.53 13.94
CA LEU A 199 -21.22 -28.86 14.03
C LEU A 199 -20.52 -28.02 15.10
N GLY A 200 -20.61 -26.71 14.98
CA GLY A 200 -19.97 -25.81 15.93
C GLY A 200 -19.55 -24.54 15.24
N PHE A 201 -19.00 -23.63 16.03
CA PHE A 201 -18.54 -22.33 15.52
C PHE A 201 -17.02 -22.25 15.43
N TYR A 202 -16.30 -22.51 16.52
CA TYR A 202 -14.84 -22.38 16.51
C TYR A 202 -14.22 -23.39 17.48
N GLN A 203 -13.72 -24.49 16.92
CA GLN A 203 -12.67 -25.30 17.54
C GLN A 203 -13.05 -25.80 18.93
N ASP A 204 -14.25 -26.35 19.07
CA ASP A 204 -14.65 -26.99 20.34
C ASP A 204 -14.70 -26.08 21.51
N LYS A 205 -14.21 -24.89 21.31
CA LYS A 205 -14.19 -23.94 22.42
C LYS A 205 -15.49 -23.17 22.54
N ILE A 206 -16.27 -23.10 21.47
CA ILE A 206 -17.53 -22.35 21.49
C ILE A 206 -18.53 -22.98 20.53
N LYS A 207 -19.70 -23.35 21.05
CA LYS A 207 -20.74 -23.99 20.25
C LYS A 207 -21.37 -22.97 19.31
N ILE A 208 -22.10 -22.02 19.87
CA ILE A 208 -22.82 -21.00 19.10
C ILE A 208 -22.36 -19.63 19.55
N GLN A 209 -22.05 -18.76 18.58
CA GLN A 209 -21.60 -17.40 18.85
C GLN A 209 -22.73 -16.43 18.52
N LYS A 210 -23.33 -15.86 19.56
CA LYS A 210 -24.48 -14.98 19.39
C LYS A 210 -24.08 -13.58 18.97
N THR A 211 -22.94 -13.09 19.41
CA THR A 211 -22.50 -11.72 19.21
C THR A 211 -21.25 -11.69 18.35
N PRO A 212 -20.98 -10.59 17.65
CA PRO A 212 -19.75 -10.47 16.87
C PRO A 212 -18.52 -10.81 17.71
N TRP A 213 -17.62 -11.60 17.11
CA TRP A 213 -16.49 -12.19 17.82
C TRP A 213 -15.24 -12.08 16.98
N LYS A 214 -14.11 -11.83 17.64
CA LYS A 214 -12.83 -11.66 16.96
C LYS A 214 -12.24 -13.02 16.62
N VAL A 215 -12.11 -13.31 15.33
CA VAL A 215 -11.44 -14.53 14.87
C VAL A 215 -9.94 -14.33 15.02
N PRO A 216 -9.25 -15.17 15.79
CA PRO A 216 -7.81 -14.99 15.96
C PRO A 216 -7.07 -15.17 14.64
N THR A 217 -5.99 -14.41 14.49
CA THR A 217 -5.28 -14.37 13.22
C THR A 217 -4.75 -15.75 12.85
N PHE A 218 -4.86 -16.10 11.56
CA PHE A 218 -4.43 -17.39 11.06
C PHE A 218 -3.52 -17.27 9.85
N SER A 219 -2.82 -16.14 9.71
CA SER A 219 -1.93 -15.89 8.59
C SER A 219 -1.02 -14.72 8.93
N LYS A 220 0.20 -14.75 8.39
CA LYS A 220 1.11 -13.62 8.56
C LYS A 220 0.68 -12.41 7.73
N TYR A 221 -0.17 -12.61 6.74
CA TYR A 221 -0.65 -11.54 5.87
C TYR A 221 -2.11 -11.24 6.18
N ASN A 222 -2.57 -10.10 5.67
CA ASN A 222 -3.95 -9.67 5.90
C ASN A 222 -4.90 -10.34 4.91
N ILE A 223 -6.07 -10.73 5.40
CA ILE A 223 -7.10 -11.31 4.55
C ILE A 223 -7.64 -10.22 3.63
N VAL A 224 -7.90 -10.57 2.38
CA VAL A 224 -8.35 -9.60 1.38
C VAL A 224 -9.75 -9.90 0.85
N GLN A 225 -10.23 -11.13 0.92
CA GLN A 225 -11.51 -11.47 0.29
C GLN A 225 -12.15 -12.63 1.04
N LEU A 226 -13.48 -12.62 1.08
CA LEU A 226 -14.28 -13.69 1.66
C LEU A 226 -15.11 -14.37 0.58
N ALA A 227 -15.43 -15.64 0.81
CA ALA A 227 -16.25 -16.42 -0.12
C ALA A 227 -17.10 -17.38 0.68
N PRO A 228 -18.32 -16.99 1.03
CA PRO A 228 -19.16 -17.84 1.89
C PRO A 228 -19.89 -18.92 1.11
N GLY A 229 -20.07 -20.05 1.78
CA GLY A 229 -20.84 -21.16 1.23
C GLY A 229 -22.07 -21.46 2.04
N LYS A 230 -22.46 -22.73 2.12
CA LYS A 230 -23.61 -23.10 2.94
C LYS A 230 -23.22 -23.18 4.41
N ASP A 231 -22.27 -24.07 4.73
CA ASP A 231 -21.78 -24.24 6.10
C ASP A 231 -20.26 -24.17 6.14
N HIS A 232 -19.66 -23.36 5.26
CA HIS A 232 -18.23 -23.14 5.26
C HIS A 232 -17.96 -21.74 4.71
N ILE A 233 -16.73 -21.28 4.89
CA ILE A 233 -16.33 -19.96 4.39
C ILE A 233 -14.85 -20.01 4.05
N LEU A 234 -14.50 -19.40 2.92
CA LEU A 234 -13.12 -19.34 2.47
C LEU A 234 -12.51 -17.97 2.76
N PHE A 235 -11.18 -17.94 2.81
CA PHE A 235 -10.43 -16.72 3.03
C PHE A 235 -9.29 -16.64 2.02
N LEU A 236 -8.79 -15.43 1.83
CA LEU A 236 -7.69 -15.20 0.90
C LEU A 236 -6.88 -14.01 1.39
N ASP A 237 -5.57 -14.19 1.49
CA ASP A 237 -4.67 -13.16 2.00
C ASP A 237 -3.94 -12.47 0.85
N GLU A 238 -3.13 -11.48 1.19
CA GLU A 238 -2.35 -10.77 0.18
C GLU A 238 -1.33 -11.71 -0.47
N GLU A 239 -0.84 -12.71 0.29
CA GLU A 239 0.13 -13.65 -0.24
C GLU A 239 -0.46 -14.51 -1.35
N GLY A 240 -1.78 -14.74 -1.33
CA GLY A 240 -2.42 -15.63 -2.26
C GLY A 240 -2.85 -16.96 -1.67
N MET A 241 -2.63 -17.17 -0.37
CA MET A 241 -3.02 -18.40 0.29
C MET A 241 -4.52 -18.40 0.56
N VAL A 242 -5.14 -19.56 0.39
CA VAL A 242 -6.58 -19.72 0.61
C VAL A 242 -6.79 -20.54 1.89
N PHE A 243 -7.66 -20.07 2.76
CA PHE A 243 -7.99 -20.75 3.99
C PHE A 243 -9.46 -21.15 3.98
N ALA A 244 -9.78 -22.19 4.75
CA ALA A 244 -11.14 -22.71 4.81
C ALA A 244 -11.54 -22.93 6.26
N TRP A 245 -12.83 -22.75 6.53
CA TRP A 245 -13.35 -22.79 7.89
C TRP A 245 -14.79 -23.24 7.85
N GLY A 246 -15.11 -24.31 8.57
CA GLY A 246 -16.47 -24.79 8.64
C GLY A 246 -16.64 -26.27 8.37
N ASN A 247 -17.72 -26.63 7.69
CA ASN A 247 -18.01 -28.03 7.40
C ASN A 247 -17.21 -28.50 6.19
N GLY A 248 -16.77 -29.76 6.23
CA GLY A 248 -15.96 -30.29 5.16
C GLY A 248 -16.34 -31.70 4.73
N GLN A 249 -17.60 -32.08 4.94
CA GLN A 249 -18.03 -33.43 4.58
C GLN A 249 -17.99 -33.66 3.07
N GLN A 250 -18.14 -32.59 2.29
CA GLN A 250 -18.06 -32.67 0.83
C GLN A 250 -16.74 -32.10 0.30
N ASN A 251 -15.69 -32.17 1.12
CA ASN A 251 -14.36 -31.69 0.74
C ASN A 251 -14.37 -30.23 0.32
N GLN A 252 -15.15 -29.41 1.04
CA GLN A 252 -15.10 -27.97 0.80
C GLN A 252 -13.82 -27.37 1.37
N LEU A 253 -13.30 -27.93 2.45
CA LEU A 253 -12.13 -27.41 3.14
C LEU A 253 -10.83 -27.71 2.41
N GLY A 254 -10.88 -28.26 1.20
CA GLY A 254 -9.68 -28.59 0.47
C GLY A 254 -8.85 -29.69 1.09
N ARG A 255 -9.41 -30.47 2.01
CA ARG A 255 -8.72 -31.54 2.69
C ARG A 255 -9.75 -32.56 3.13
N LYS A 256 -9.35 -33.47 4.02
CA LYS A 256 -10.27 -34.43 4.62
C LYS A 256 -10.17 -34.38 6.13
N VAL A 257 -11.31 -34.53 6.79
CA VAL A 257 -11.41 -34.46 8.24
C VAL A 257 -11.88 -35.83 8.75
N MET A 258 -11.16 -36.38 9.72
CA MET A 258 -11.59 -37.59 10.40
C MET A 258 -12.49 -37.22 11.57
N GLU A 259 -13.35 -38.16 11.95
CA GLU A 259 -14.36 -37.89 12.98
C GLU A 259 -13.72 -37.44 14.29
N ARG A 260 -12.55 -37.98 14.63
CA ARG A 260 -11.96 -37.72 15.93
C ARG A 260 -11.42 -36.30 16.02
N PHE A 261 -10.58 -35.89 15.07
CA PHE A 261 -9.98 -34.55 15.07
C PHE A 261 -10.85 -33.53 14.36
N ARG A 262 -12.17 -33.68 14.40
CA ARG A 262 -13.06 -32.78 13.67
C ARG A 262 -13.17 -31.44 14.36
N LEU A 263 -13.56 -31.44 15.64
CA LEU A 263 -13.72 -30.18 16.36
C LEU A 263 -12.37 -29.56 16.70
N LYS A 264 -11.33 -30.38 16.89
CA LYS A 264 -10.02 -29.84 17.24
C LYS A 264 -9.43 -28.99 16.13
N THR A 265 -9.71 -29.31 14.87
CA THR A 265 -9.14 -28.61 13.73
C THR A 265 -10.14 -27.66 13.07
N LEU A 266 -11.20 -27.28 13.78
CA LEU A 266 -12.23 -26.42 13.21
C LEU A 266 -11.80 -24.97 13.39
N ASP A 267 -11.08 -24.45 12.39
CA ASP A 267 -10.64 -23.07 12.35
C ASP A 267 -10.09 -22.80 10.96
N PRO A 268 -9.98 -21.52 10.56
CA PRO A 268 -9.43 -21.21 9.23
C PRO A 268 -8.05 -21.80 9.00
N ARG A 269 -7.97 -22.81 8.13
CA ARG A 269 -6.74 -23.52 7.86
C ARG A 269 -6.50 -23.65 6.36
N PRO A 270 -5.26 -23.57 5.91
CA PRO A 270 -4.96 -23.72 4.48
C PRO A 270 -4.99 -25.18 4.07
N PHE A 271 -4.78 -25.42 2.77
CA PHE A 271 -4.85 -26.77 2.23
C PHE A 271 -4.04 -26.88 0.95
N GLY A 272 -2.91 -26.21 0.88
CA GLY A 272 -2.04 -26.29 -0.27
C GLY A 272 -2.47 -25.50 -1.48
N LEU A 273 -3.35 -24.51 -1.30
CA LEU A 273 -3.81 -23.66 -2.38
C LEU A 273 -3.09 -22.32 -2.28
N ARG A 274 -2.15 -22.08 -3.20
CA ARG A 274 -1.31 -20.89 -3.18
C ARG A 274 -1.47 -20.11 -4.48
N HIS A 275 -1.01 -18.86 -4.44
CA HIS A 275 -0.96 -17.99 -5.62
C HIS A 275 -2.34 -17.80 -6.23
N VAL A 276 -3.31 -17.42 -5.39
CA VAL A 276 -4.69 -17.25 -5.80
C VAL A 276 -5.03 -15.76 -5.78
N LYS A 277 -5.69 -15.30 -6.84
CA LYS A 277 -6.11 -13.91 -6.96
C LYS A 277 -7.56 -13.67 -6.54
N TYR A 278 -8.42 -14.67 -6.69
CA TYR A 278 -9.85 -14.47 -6.51
C TYR A 278 -10.48 -15.79 -6.10
N ILE A 279 -11.37 -15.74 -5.10
CA ILE A 279 -12.07 -16.94 -4.62
C ILE A 279 -13.57 -16.69 -4.67
N ALA A 280 -14.31 -17.77 -4.90
CA ALA A 280 -15.76 -17.74 -4.91
C ALA A 280 -16.25 -19.14 -4.57
N SER A 281 -17.43 -19.22 -3.96
CA SER A 281 -17.90 -20.49 -3.44
C SER A 281 -19.40 -20.65 -3.66
N GLY A 282 -19.80 -21.83 -4.09
CA GLY A 282 -21.19 -22.25 -4.05
C GLY A 282 -21.53 -22.73 -2.65
N GLU A 283 -22.57 -23.57 -2.58
CA GLU A 283 -22.98 -24.07 -1.27
C GLU A 283 -22.03 -25.14 -0.75
N ASN A 284 -21.60 -26.06 -1.62
CA ASN A 284 -20.67 -27.11 -1.23
C ASN A 284 -19.54 -27.29 -2.22
N HIS A 285 -19.36 -26.35 -3.15
CA HIS A 285 -18.24 -26.37 -4.07
C HIS A 285 -17.65 -24.96 -4.15
N CYS A 286 -16.37 -24.88 -4.49
CA CYS A 286 -15.64 -23.63 -4.44
C CYS A 286 -14.86 -23.42 -5.73
N PHE A 287 -14.44 -22.18 -5.95
CA PHE A 287 -13.62 -21.79 -7.09
C PHE A 287 -12.48 -20.90 -6.62
N ALA A 288 -11.37 -20.95 -7.35
CA ALA A 288 -10.22 -20.11 -7.05
C ALA A 288 -9.51 -19.77 -8.34
N LEU A 289 -9.26 -18.47 -8.55
CA LEU A 289 -8.57 -17.98 -9.73
C LEU A 289 -7.13 -17.66 -9.36
N THR A 290 -6.17 -18.27 -10.05
CA THR A 290 -4.77 -18.11 -9.72
C THR A 290 -4.17 -16.91 -10.44
N LYS A 291 -2.88 -16.68 -10.22
CA LYS A 291 -2.21 -15.53 -10.81
C LYS A 291 -2.04 -15.69 -12.32
N ASP A 292 -1.86 -16.92 -12.80
CA ASP A 292 -1.70 -17.19 -14.22
C ASP A 292 -3.02 -17.38 -14.96
N ASN A 293 -4.11 -16.79 -14.44
CA ASN A 293 -5.43 -16.85 -15.07
C ASN A 293 -5.88 -18.30 -15.26
N LYS A 294 -5.70 -19.10 -14.21
CA LYS A 294 -6.09 -20.50 -14.20
C LYS A 294 -7.19 -20.69 -13.15
N LEU A 295 -8.33 -21.19 -13.59
CA LEU A 295 -9.50 -21.36 -12.72
C LEU A 295 -9.63 -22.83 -12.33
N VAL A 296 -9.58 -23.10 -11.04
CA VAL A 296 -9.74 -24.44 -10.50
C VAL A 296 -10.92 -24.45 -9.55
N SER A 297 -11.50 -25.65 -9.36
CA SER A 297 -12.63 -25.82 -8.47
C SER A 297 -12.50 -27.16 -7.75
N TRP A 298 -13.23 -27.27 -6.64
CA TRP A 298 -13.23 -28.51 -5.85
C TRP A 298 -14.50 -28.54 -5.02
N GLY A 299 -14.69 -29.66 -4.32
CA GLY A 299 -15.86 -29.83 -3.49
C GLY A 299 -16.87 -30.82 -4.07
N LEU A 300 -18.15 -30.56 -3.84
CA LEU A 300 -19.20 -31.45 -4.33
C LEU A 300 -19.53 -31.14 -5.78
N ASN A 301 -19.61 -32.19 -6.60
CA ASN A 301 -19.87 -32.06 -8.03
C ASN A 301 -20.98 -33.03 -8.44
N GLN A 302 -22.12 -32.96 -7.75
CA GLN A 302 -23.21 -33.88 -8.03
C GLN A 302 -23.76 -33.69 -9.44
N PHE A 303 -23.93 -32.44 -9.85
CA PHE A 303 -24.52 -32.11 -11.15
C PHE A 303 -23.52 -31.37 -12.04
N GLY A 304 -22.24 -31.69 -11.93
CA GLY A 304 -21.23 -31.01 -12.72
C GLY A 304 -21.09 -29.53 -12.45
N GLN A 305 -21.52 -29.06 -11.27
CA GLN A 305 -21.43 -27.63 -10.96
C GLN A 305 -20.00 -27.12 -10.91
N CYS A 306 -19.02 -28.00 -10.72
CA CYS A 306 -17.62 -27.59 -10.76
C CYS A 306 -17.12 -27.40 -12.19
N GLY A 307 -17.84 -27.95 -13.17
CA GLY A 307 -17.46 -27.79 -14.57
C GLY A 307 -16.08 -28.30 -14.90
N VAL A 308 -15.71 -29.47 -14.38
CA VAL A 308 -14.36 -29.99 -14.56
C VAL A 308 -14.32 -31.27 -15.39
N SER A 309 -15.35 -32.11 -15.34
CA SER A 309 -15.38 -33.36 -16.07
C SER A 309 -16.70 -33.48 -16.82
N GLU A 310 -16.65 -34.23 -17.92
CA GLU A 310 -17.82 -34.49 -18.76
C GLU A 310 -18.70 -35.62 -18.24
N ASP A 311 -18.12 -36.59 -17.53
CA ASP A 311 -18.88 -37.70 -16.98
C ASP A 311 -19.35 -37.34 -15.57
N VAL A 312 -20.67 -37.35 -15.37
CA VAL A 312 -21.25 -37.03 -14.07
C VAL A 312 -21.40 -38.26 -13.20
N GLU A 313 -21.60 -39.44 -13.79
CA GLU A 313 -21.62 -40.70 -13.04
C GLU A 313 -20.27 -41.06 -12.45
N ASP A 314 -19.21 -40.36 -12.85
CA ASP A 314 -17.86 -40.67 -12.38
C ASP A 314 -17.62 -40.15 -10.97
N GLY A 315 -17.40 -38.85 -10.84
CA GLY A 315 -17.03 -38.28 -9.55
C GLY A 315 -18.08 -37.41 -8.92
N ALA A 316 -18.63 -37.87 -7.79
CA ALA A 316 -19.50 -37.04 -6.97
C ALA A 316 -18.72 -36.07 -6.09
N LEU A 317 -17.40 -36.22 -6.00
CA LEU A 317 -16.56 -35.39 -5.16
C LEU A 317 -15.31 -34.98 -5.92
N VAL A 318 -14.95 -33.72 -5.82
CA VAL A 318 -13.69 -33.21 -6.36
C VAL A 318 -12.77 -32.90 -5.20
N THR A 319 -11.97 -33.89 -4.79
CA THR A 319 -11.09 -33.71 -3.63
C THR A 319 -9.95 -32.77 -3.96
N LYS A 320 -9.24 -33.03 -5.05
CA LYS A 320 -8.16 -32.14 -5.45
C LYS A 320 -8.66 -31.10 -6.44
N PRO A 321 -8.25 -29.83 -6.27
CA PRO A 321 -8.72 -28.78 -7.18
C PRO A 321 -8.39 -29.11 -8.62
N LYS A 322 -9.41 -28.99 -9.48
CA LYS A 322 -9.31 -29.35 -10.89
C LYS A 322 -9.61 -28.13 -11.74
N ARG A 323 -8.84 -27.96 -12.81
CA ARG A 323 -8.93 -26.77 -13.65
C ARG A 323 -10.12 -26.84 -14.60
N LEU A 324 -10.80 -25.72 -14.77
CA LEU A 324 -11.87 -25.59 -15.75
C LEU A 324 -11.29 -25.14 -17.08
N ALA A 325 -11.91 -25.58 -18.16
CA ALA A 325 -11.45 -25.29 -19.52
C ALA A 325 -12.36 -24.23 -20.13
N LEU A 326 -12.05 -22.97 -19.85
CA LEU A 326 -12.73 -21.83 -20.44
C LEU A 326 -12.04 -21.40 -21.73
N PRO A 327 -12.73 -20.67 -22.60
CA PRO A 327 -12.08 -20.17 -23.82
C PRO A 327 -10.90 -19.26 -23.50
N ASP A 328 -10.11 -19.00 -24.54
CA ASP A 328 -8.85 -18.28 -24.35
C ASP A 328 -9.07 -16.79 -24.10
N ASN A 329 -9.99 -16.16 -24.84
CA ASN A 329 -10.22 -14.73 -24.71
C ASN A 329 -10.94 -14.35 -23.42
N VAL A 330 -11.25 -15.30 -22.56
CA VAL A 330 -12.06 -15.02 -21.37
C VAL A 330 -11.18 -14.46 -20.26
N VAL A 331 -11.67 -13.42 -19.61
CA VAL A 331 -11.05 -12.85 -18.41
C VAL A 331 -12.14 -12.79 -17.35
N ILE A 332 -11.98 -13.57 -16.29
CA ILE A 332 -13.03 -13.71 -15.29
C ILE A 332 -13.19 -12.41 -14.52
N ARG A 333 -14.44 -11.97 -14.36
CA ARG A 333 -14.78 -10.79 -13.59
C ARG A 333 -15.35 -11.13 -12.22
N SER A 334 -16.28 -12.07 -12.18
CA SER A 334 -16.88 -12.53 -10.93
C SER A 334 -17.40 -13.94 -11.14
N ILE A 335 -17.61 -14.65 -10.04
CA ILE A 335 -18.13 -16.01 -10.06
C ILE A 335 -19.19 -16.13 -8.98
N ALA A 336 -20.39 -16.55 -9.36
CA ALA A 336 -21.48 -16.80 -8.44
C ALA A 336 -21.98 -18.23 -8.65
N ALA A 337 -22.27 -18.92 -7.55
CA ALA A 337 -22.71 -20.31 -7.63
C ALA A 337 -23.70 -20.59 -6.52
N GLY A 338 -24.60 -21.54 -6.78
CA GLY A 338 -25.58 -21.95 -5.80
C GLY A 338 -25.34 -23.36 -5.29
N GLU A 339 -26.41 -24.12 -5.07
CA GLU A 339 -26.24 -25.46 -4.53
C GLU A 339 -25.78 -26.44 -5.60
N HIS A 340 -26.36 -26.38 -6.80
CA HIS A 340 -26.05 -27.35 -7.84
C HIS A 340 -25.77 -26.67 -9.19
N HIS A 341 -25.37 -25.41 -9.19
CA HIS A 341 -25.05 -24.73 -10.44
C HIS A 341 -24.06 -23.60 -10.17
N SER A 342 -23.33 -23.23 -11.22
CA SER A 342 -22.29 -22.21 -11.12
C SER A 342 -22.38 -21.27 -12.32
N LEU A 343 -22.05 -20.00 -12.07
CA LEU A 343 -22.12 -18.96 -13.10
C LEU A 343 -20.80 -18.21 -13.11
N ILE A 344 -20.12 -18.24 -14.25
CA ILE A 344 -18.84 -17.57 -14.43
C ILE A 344 -19.05 -16.37 -15.34
N LEU A 345 -18.89 -15.17 -14.79
CA LEU A 345 -19.09 -13.93 -15.54
C LEU A 345 -17.76 -13.41 -16.05
N SER A 346 -17.68 -13.16 -17.34
CA SER A 346 -16.47 -12.67 -17.98
C SER A 346 -16.46 -11.13 -18.02
N GLN A 347 -15.30 -10.58 -18.39
CA GLN A 347 -15.18 -9.13 -18.51
C GLN A 347 -15.83 -8.61 -19.78
N ASP A 348 -15.95 -9.44 -20.81
CA ASP A 348 -16.62 -9.03 -22.04
C ASP A 348 -18.14 -9.03 -21.91
N GLY A 349 -18.67 -9.46 -20.77
CA GLY A 349 -20.09 -9.52 -20.54
C GLY A 349 -20.72 -10.88 -20.72
N ASP A 350 -19.99 -11.84 -21.28
CA ASP A 350 -20.54 -13.17 -21.48
C ASP A 350 -20.68 -13.91 -20.17
N LEU A 351 -21.66 -14.80 -20.10
CA LEU A 351 -21.98 -15.54 -18.89
C LEU A 351 -21.89 -17.03 -19.20
N TYR A 352 -21.05 -17.73 -18.43
CA TYR A 352 -20.85 -19.17 -18.59
C TYR A 352 -21.48 -19.90 -17.41
N SER A 353 -22.32 -20.88 -17.69
CA SER A 353 -23.05 -21.60 -16.67
C SER A 353 -22.77 -23.10 -16.78
N CYS A 354 -22.87 -23.78 -15.63
CA CYS A 354 -22.73 -25.23 -15.57
C CYS A 354 -23.40 -25.71 -14.30
N GLY A 355 -24.10 -26.85 -14.40
CA GLY A 355 -24.77 -27.39 -13.23
C GLY A 355 -26.11 -28.03 -13.52
N ARG A 356 -27.00 -27.99 -12.53
CA ARG A 356 -28.25 -28.73 -12.57
C ARG A 356 -29.27 -28.09 -13.50
N LEU A 357 -30.03 -28.94 -14.19
CA LEU A 357 -31.09 -28.49 -15.10
C LEU A 357 -32.49 -28.74 -14.57
N ASP A 358 -32.64 -29.48 -13.47
CA ASP A 358 -33.96 -29.90 -13.02
C ASP A 358 -34.86 -28.73 -12.64
N MET A 359 -34.28 -27.57 -12.31
CA MET A 359 -35.06 -26.37 -12.05
C MET A 359 -34.61 -25.20 -12.91
N PHE A 360 -33.98 -25.50 -14.05
CA PHE A 360 -33.52 -24.48 -15.00
C PHE A 360 -32.54 -23.50 -14.34
N GLU A 361 -31.62 -24.04 -13.53
CA GLU A 361 -30.67 -23.18 -12.83
C GLU A 361 -29.67 -22.56 -13.80
N VAL A 362 -29.16 -23.35 -14.75
CA VAL A 362 -28.11 -22.85 -15.64
C VAL A 362 -28.64 -21.88 -16.68
N GLY A 363 -29.96 -21.82 -16.89
CA GLY A 363 -30.53 -20.87 -17.82
C GLY A 363 -30.30 -21.16 -19.28
N ILE A 364 -30.10 -22.42 -19.65
CA ILE A 364 -29.92 -22.82 -21.04
C ILE A 364 -31.22 -23.45 -21.53
N PRO A 365 -31.78 -23.00 -22.65
CA PRO A 365 -33.02 -23.61 -23.15
C PRO A 365 -32.79 -25.03 -23.61
N LYS A 366 -33.89 -25.75 -23.80
CA LYS A 366 -33.81 -27.16 -24.19
C LYS A 366 -33.34 -27.32 -25.63
N ASP A 367 -33.65 -26.35 -26.50
CA ASP A 367 -33.22 -26.43 -27.88
C ASP A 367 -31.75 -26.09 -28.08
N ASN A 368 -31.13 -25.41 -27.12
CA ASN A 368 -29.72 -25.04 -27.21
C ASN A 368 -28.87 -25.81 -26.21
N LEU A 369 -29.26 -27.06 -25.92
CA LEU A 369 -28.49 -27.89 -25.01
C LEU A 369 -27.26 -28.42 -25.73
N PRO A 370 -26.06 -28.25 -25.17
CA PRO A 370 -24.84 -28.73 -25.84
C PRO A 370 -24.77 -30.24 -25.96
N GLU A 371 -23.70 -30.73 -26.61
CA GLU A 371 -23.56 -32.17 -26.83
C GLU A 371 -23.29 -32.93 -25.53
N TYR A 372 -22.62 -32.29 -24.58
CA TYR A 372 -22.12 -32.97 -23.39
C TYR A 372 -23.09 -32.94 -22.22
N THR A 373 -24.36 -32.60 -22.45
CA THR A 373 -25.35 -32.65 -21.37
C THR A 373 -25.55 -34.08 -20.91
N TYR A 374 -25.75 -34.26 -19.61
CA TYR A 374 -25.87 -35.57 -19.01
C TYR A 374 -27.32 -36.02 -18.99
N LYS A 375 -27.60 -37.18 -19.56
CA LYS A 375 -28.88 -37.85 -19.41
C LYS A 375 -28.72 -39.01 -18.44
N ASP A 376 -29.66 -39.14 -17.50
CA ASP A 376 -29.55 -40.13 -16.44
C ASP A 376 -30.08 -41.47 -16.94
N VAL A 377 -30.44 -42.36 -16.00
CA VAL A 377 -30.92 -43.69 -16.38
C VAL A 377 -32.30 -43.63 -17.03
N HIS A 378 -33.06 -42.56 -16.80
CA HIS A 378 -34.38 -42.41 -17.38
C HIS A 378 -34.38 -41.64 -18.70
N GLY A 379 -33.24 -41.07 -19.09
CA GLY A 379 -33.14 -40.37 -20.34
C GLY A 379 -33.43 -38.88 -20.28
N LYS A 380 -33.57 -38.33 -19.09
CA LYS A 380 -33.84 -36.91 -18.95
C LYS A 380 -32.60 -36.14 -18.62
N ALA A 381 -32.41 -35.02 -19.29
CA ALA A 381 -31.24 -34.21 -19.08
C ALA A 381 -31.23 -33.78 -17.68
N ARG A 382 -30.12 -33.94 -16.99
CA ARG A 382 -30.06 -33.53 -15.62
C ARG A 382 -29.07 -32.47 -15.34
N ALA A 383 -28.00 -32.43 -16.09
CA ALA A 383 -27.01 -31.39 -15.88
C ALA A 383 -26.17 -31.08 -17.05
N VAL A 384 -25.59 -29.91 -17.02
CA VAL A 384 -24.56 -29.52 -17.98
C VAL A 384 -23.24 -29.45 -17.22
N PRO A 385 -22.32 -30.39 -17.43
CA PRO A 385 -21.13 -30.50 -16.56
C PRO A 385 -19.92 -29.70 -17.01
N LEU A 386 -20.06 -28.77 -17.95
CA LEU A 386 -18.94 -27.95 -18.42
C LEU A 386 -19.41 -26.52 -18.56
N PRO A 387 -18.50 -25.55 -18.42
CA PRO A 387 -18.89 -24.14 -18.56
C PRO A 387 -19.39 -23.84 -19.97
N THR A 388 -20.63 -23.40 -20.06
CA THR A 388 -21.31 -23.15 -21.32
C THR A 388 -21.78 -21.71 -21.37
N LYS A 389 -21.38 -20.99 -22.42
CA LYS A 389 -21.77 -19.59 -22.58
C LYS A 389 -23.24 -19.48 -22.93
N LEU A 390 -23.94 -18.58 -22.22
CA LEU A 390 -25.34 -18.31 -22.55
C LEU A 390 -25.42 -17.45 -23.80
N ASN A 391 -26.46 -17.71 -24.60
CA ASN A 391 -26.67 -16.98 -25.85
C ASN A 391 -28.01 -16.27 -25.82
N ASN A 392 -28.17 -15.32 -26.74
CA ASN A 392 -29.39 -14.51 -26.87
C ASN A 392 -29.70 -13.79 -25.57
N VAL A 393 -28.66 -13.35 -24.87
CA VAL A 393 -28.80 -12.62 -23.62
C VAL A 393 -27.98 -11.33 -23.72
N PRO A 394 -28.33 -10.29 -22.97
CA PRO A 394 -27.55 -9.05 -23.02
C PRO A 394 -26.23 -9.21 -22.28
N LYS A 395 -25.39 -8.19 -22.44
CA LYS A 395 -24.11 -8.16 -21.74
C LYS A 395 -24.34 -7.86 -20.26
N PHE A 396 -23.83 -8.72 -19.39
CA PHE A 396 -24.02 -8.58 -17.95
C PHE A 396 -22.79 -7.94 -17.31
N LYS A 397 -23.04 -7.19 -16.24
CA LYS A 397 -21.97 -6.59 -15.45
C LYS A 397 -21.88 -7.15 -14.04
N SER A 398 -22.87 -7.92 -13.58
CA SER A 398 -22.79 -8.61 -12.30
C SER A 398 -23.73 -9.80 -12.35
N VAL A 399 -23.53 -10.74 -11.43
CA VAL A 399 -24.34 -11.95 -11.39
C VAL A 399 -24.32 -12.50 -9.98
N ALA A 400 -25.48 -12.97 -9.52
CA ALA A 400 -25.62 -13.63 -8.22
C ALA A 400 -26.44 -14.89 -8.39
N ALA A 401 -26.19 -15.87 -7.53
CA ALA A 401 -26.86 -17.17 -7.63
C ALA A 401 -27.26 -17.65 -6.26
N GLY A 402 -28.55 -17.96 -6.10
CA GLY A 402 -29.07 -18.58 -4.91
C GLY A 402 -29.04 -20.09 -5.02
N SER A 403 -29.80 -20.75 -4.13
CA SER A 403 -29.79 -22.21 -4.06
C SER A 403 -30.14 -22.82 -5.41
N HIS A 404 -31.24 -22.37 -6.03
CA HIS A 404 -31.64 -22.89 -7.33
C HIS A 404 -32.18 -21.82 -8.25
N HIS A 405 -31.91 -20.54 -7.97
CA HIS A 405 -32.27 -19.47 -8.87
C HIS A 405 -31.09 -18.51 -8.97
N SER A 406 -31.12 -17.67 -10.00
CA SER A 406 -30.00 -16.78 -10.30
C SER A 406 -30.52 -15.42 -10.75
N VAL A 407 -29.72 -14.39 -10.52
CA VAL A 407 -30.01 -13.04 -10.97
C VAL A 407 -28.75 -12.43 -11.53
N ALA A 408 -28.85 -11.85 -12.73
CA ALA A 408 -27.73 -11.17 -13.37
C ALA A 408 -28.24 -9.88 -13.98
N VAL A 409 -27.60 -8.77 -13.69
CA VAL A 409 -28.01 -7.47 -14.22
C VAL A 409 -27.28 -7.23 -15.52
N ALA A 410 -27.93 -6.64 -16.47
CA ALA A 410 -27.32 -6.34 -17.72
C ALA A 410 -26.54 -5.04 -17.67
N GLN A 411 -25.90 -4.73 -18.76
CA GLN A 411 -25.15 -3.50 -18.87
C GLN A 411 -26.03 -2.26 -18.72
N ASN A 412 -27.25 -2.25 -19.25
CA ASN A 412 -28.02 -1.04 -18.98
C ASN A 412 -28.33 -0.88 -17.49
N GLY A 413 -28.58 -1.97 -16.77
CA GLY A 413 -28.88 -1.81 -15.38
C GLY A 413 -30.14 -2.53 -15.01
N ILE A 414 -30.58 -3.42 -15.87
CA ILE A 414 -31.82 -4.14 -15.65
C ILE A 414 -31.49 -5.57 -15.23
N ALA A 415 -32.27 -6.09 -14.28
CA ALA A 415 -32.04 -7.44 -13.77
C ALA A 415 -32.65 -8.48 -14.71
N TYR A 416 -32.00 -9.64 -14.76
CA TYR A 416 -32.50 -10.80 -15.49
C TYR A 416 -32.39 -12.00 -14.57
N SER A 417 -33.52 -12.54 -14.14
CA SER A 417 -33.55 -13.67 -13.21
C SER A 417 -34.06 -14.91 -13.92
N TRP A 418 -33.68 -16.07 -13.39
CA TRP A 418 -34.10 -17.35 -13.95
C TRP A 418 -33.86 -18.46 -12.94
N GLY A 419 -34.54 -19.59 -13.17
CA GLY A 419 -34.36 -20.77 -12.36
C GLY A 419 -35.63 -21.17 -11.63
N PHE A 420 -35.45 -21.73 -10.44
CA PHE A 420 -36.56 -22.16 -9.59
C PHE A 420 -37.44 -20.98 -9.23
N GLY A 421 -38.73 -21.07 -9.54
CA GLY A 421 -39.63 -19.95 -9.36
C GLY A 421 -40.86 -20.23 -8.52
N GLU A 422 -40.90 -21.40 -7.86
CA GLU A 422 -42.05 -21.73 -7.01
C GLU A 422 -42.11 -20.90 -5.74
N THR A 423 -41.02 -20.21 -5.38
CA THR A 423 -41.01 -19.30 -4.25
C THR A 423 -40.93 -17.85 -4.67
N TYR A 424 -41.13 -17.56 -5.97
CA TYR A 424 -41.11 -16.19 -6.50
C TYR A 424 -39.78 -15.49 -6.22
N ALA A 425 -38.71 -16.27 -6.09
CA ALA A 425 -37.39 -15.68 -5.88
C ALA A 425 -36.86 -14.99 -7.13
N VAL A 426 -37.34 -15.39 -8.31
CA VAL A 426 -36.96 -14.71 -9.55
C VAL A 426 -37.66 -13.37 -9.71
N GLY A 427 -38.71 -13.12 -8.91
CA GLY A 427 -39.37 -11.83 -8.92
C GLY A 427 -39.95 -11.42 -10.26
N LEU A 428 -40.46 -12.38 -11.03
CA LEU A 428 -40.97 -12.08 -12.36
C LEU A 428 -42.48 -11.91 -12.39
N GLY A 429 -43.18 -12.22 -11.30
CA GLY A 429 -44.61 -12.01 -11.25
C GLY A 429 -45.35 -13.19 -10.65
N PRO A 430 -46.69 -13.08 -10.58
CA PRO A 430 -47.52 -14.13 -9.96
C PRO A 430 -47.69 -15.35 -10.85
N PHE A 431 -46.61 -16.12 -10.98
CA PHE A 431 -46.67 -17.44 -11.59
C PHE A 431 -45.60 -18.31 -10.95
N GLU A 432 -45.91 -19.59 -10.81
CA GLU A 432 -45.10 -20.52 -10.03
C GLU A 432 -44.24 -21.44 -10.88
N ASP A 433 -44.30 -21.33 -12.21
CA ASP A 433 -43.49 -22.17 -13.08
C ASP A 433 -42.05 -21.66 -13.12
N ASP A 434 -41.11 -22.59 -13.27
CA ASP A 434 -39.71 -22.23 -13.42
C ASP A 434 -39.49 -21.51 -14.74
N THR A 435 -38.46 -20.68 -14.79
CA THR A 435 -38.12 -19.92 -15.98
C THR A 435 -36.83 -20.47 -16.58
N GLU A 436 -36.89 -20.81 -17.86
CA GLU A 436 -35.81 -21.54 -18.51
C GLU A 436 -34.64 -20.65 -18.89
N VAL A 437 -34.91 -19.37 -19.16
CA VAL A 437 -33.93 -18.47 -19.76
C VAL A 437 -33.87 -17.18 -18.95
N PRO A 438 -32.70 -16.54 -18.81
CA PRO A 438 -32.64 -15.23 -18.15
C PRO A 438 -33.62 -14.23 -18.75
N THR A 439 -34.66 -13.89 -18.00
CA THR A 439 -35.70 -12.99 -18.48
C THR A 439 -35.75 -11.72 -17.64
N ARG A 440 -36.14 -10.62 -18.28
CA ARG A 440 -36.07 -9.30 -17.67
C ARG A 440 -37.04 -9.16 -16.51
N ILE A 441 -36.54 -8.56 -15.42
CA ILE A 441 -37.38 -8.17 -14.29
C ILE A 441 -37.92 -6.78 -14.56
N LYS A 442 -39.24 -6.66 -14.70
CA LYS A 442 -39.88 -5.40 -15.08
C LYS A 442 -41.08 -5.15 -14.18
N ASN A 443 -40.92 -4.21 -13.24
CA ASN A 443 -42.05 -3.68 -12.49
C ASN A 443 -41.78 -2.21 -12.20
N THR A 444 -42.82 -1.50 -11.76
CA THR A 444 -42.72 -0.05 -11.59
C THR A 444 -41.64 0.34 -10.60
N ALA A 445 -41.35 -0.52 -9.62
CA ALA A 445 -40.35 -0.17 -8.62
C ALA A 445 -38.93 -0.16 -9.19
N THR A 446 -38.66 -1.02 -10.18
CA THR A 446 -37.29 -1.21 -10.66
C THR A 446 -37.04 -0.67 -12.07
N GLN A 447 -38.08 -0.27 -12.80
CA GLN A 447 -37.89 0.03 -14.22
C GLN A 447 -37.06 1.29 -14.45
N ASP A 448 -37.18 2.27 -13.56
CA ASP A 448 -36.41 3.51 -13.67
C ASP A 448 -35.11 3.45 -12.86
N HIS A 449 -34.68 2.27 -12.44
CA HIS A 449 -33.53 2.11 -11.56
C HIS A 449 -32.38 1.42 -12.28
N ASN A 450 -31.17 1.87 -11.97
CA ASN A 450 -29.94 1.18 -12.33
C ASN A 450 -29.46 0.44 -11.09
N ILE A 451 -29.57 -0.88 -11.10
CA ILE A 451 -29.22 -1.69 -9.96
C ILE A 451 -27.73 -2.01 -9.99
N ILE A 452 -27.08 -1.91 -8.83
CA ILE A 452 -25.64 -2.05 -8.72
C ILE A 452 -25.25 -3.40 -8.11
N LEU A 453 -25.78 -3.70 -6.93
CA LEU A 453 -25.47 -4.93 -6.22
C LEU A 453 -26.68 -5.84 -6.19
N VAL A 454 -26.44 -7.15 -6.30
CA VAL A 454 -27.51 -8.14 -6.25
C VAL A 454 -27.02 -9.33 -5.44
N GLY A 455 -27.86 -9.81 -4.52
CA GLY A 455 -27.58 -11.02 -3.79
C GLY A 455 -28.80 -11.93 -3.78
N CYS A 456 -28.56 -13.20 -3.48
CA CYS A 456 -29.62 -14.20 -3.53
C CYS A 456 -29.48 -15.16 -2.34
N GLY A 457 -30.62 -15.56 -1.79
CA GLY A 457 -30.65 -16.50 -0.69
C GLY A 457 -31.27 -17.83 -1.08
N GLY A 458 -31.90 -18.50 -0.12
CA GLY A 458 -32.48 -19.81 -0.42
C GLY A 458 -33.74 -19.70 -1.26
N GLN A 459 -34.67 -18.85 -0.84
CA GLN A 459 -35.95 -18.70 -1.53
C GLN A 459 -36.32 -17.23 -1.73
N PHE A 460 -35.33 -16.33 -1.73
CA PHE A 460 -35.59 -14.90 -1.90
C PHE A 460 -34.39 -14.28 -2.60
N SER A 461 -34.43 -12.96 -2.75
CA SER A 461 -33.36 -12.23 -3.41
C SER A 461 -33.40 -10.77 -2.95
N VAL A 462 -32.24 -10.11 -3.04
CA VAL A 462 -32.11 -8.72 -2.67
C VAL A 462 -31.31 -8.02 -3.77
N SER A 463 -31.80 -6.85 -4.18
CA SER A 463 -31.09 -6.02 -5.14
C SER A 463 -31.01 -4.58 -4.62
N GLY A 464 -29.93 -3.92 -4.96
CA GLY A 464 -29.76 -2.52 -4.60
C GLY A 464 -29.34 -1.72 -5.81
N GLY A 465 -29.84 -0.50 -5.90
CA GLY A 465 -29.53 0.32 -7.06
C GLY A 465 -29.86 1.78 -6.82
N VAL A 466 -29.58 2.58 -7.86
CA VAL A 466 -29.85 4.01 -7.84
C VAL A 466 -30.82 4.32 -8.97
N LYS A 467 -31.66 5.33 -8.74
CA LYS A 467 -32.64 5.73 -9.74
C LYS A 467 -31.98 6.59 -10.80
N LEU A 468 -32.26 6.30 -12.07
CA LEU A 468 -31.71 7.07 -13.16
C LEU A 468 -32.39 8.43 -13.26
N SER A 469 -31.69 9.39 -13.86
CA SER A 469 -32.32 10.65 -14.20
C SER A 469 -33.44 10.40 -15.20
N ASP A 470 -34.42 11.31 -15.20
CA ASP A 470 -35.60 11.12 -16.04
C ASP A 470 -35.25 11.05 -17.52
N GLU A 471 -34.13 11.63 -17.94
CA GLU A 471 -33.67 11.51 -19.32
C GLU A 471 -32.83 10.28 -19.55
N ASP A 472 -32.07 9.83 -18.54
CA ASP A 472 -31.35 8.57 -18.68
C ASP A 472 -32.31 7.39 -18.75
N ALA A 473 -33.38 7.42 -17.97
CA ALA A 473 -34.44 6.42 -18.11
C ALA A 473 -35.22 6.62 -19.40
N GLU A 474 -35.19 7.83 -19.98
CA GLU A 474 -35.86 8.06 -21.26
C GLU A 474 -35.17 7.30 -22.39
N LYS A 475 -33.84 7.32 -22.40
CA LYS A 475 -33.11 6.64 -23.48
C LYS A 475 -33.18 5.13 -23.33
N ARG A 476 -33.00 4.61 -22.10
CA ARG A 476 -33.00 3.17 -21.91
C ARG A 476 -34.36 2.56 -22.24
N ALA A 477 -35.44 3.27 -21.93
CA ALA A 477 -36.77 2.79 -22.32
C ALA A 477 -36.91 2.75 -23.84
N ASP A 478 -36.31 3.72 -24.53
CA ASP A 478 -36.32 3.69 -25.99
C ASP A 478 -35.44 2.58 -26.54
N GLU A 479 -34.38 2.22 -25.83
CA GLU A 479 -33.51 1.13 -26.29
C GLU A 479 -34.21 -0.22 -26.16
N MET A 480 -34.92 -0.45 -25.06
CA MET A 480 -35.49 -1.76 -24.76
C MET A 480 -36.86 -1.94 -25.41
N ASP A 481 -37.85 -1.17 -24.96
CA ASP A 481 -39.24 -1.42 -25.30
C ASP A 481 -39.62 -0.85 -26.66
N ASP A 482 -38.69 -0.85 -27.60
CA ASP A 482 -38.97 -0.43 -28.96
C ASP A 482 -38.64 -1.54 -29.95
N GLU B 88 -8.14 -4.38 -24.56
CA GLU B 88 -8.63 -4.05 -23.22
C GLU B 88 -8.73 -2.54 -23.04
N LEU B 89 -7.80 -1.80 -23.63
CA LEU B 89 -7.80 -0.36 -23.49
C LEU B 89 -8.96 0.33 -24.07
N PRO B 90 -9.36 -0.01 -25.28
CA PRO B 90 -10.60 0.61 -25.78
C PRO B 90 -11.81 0.30 -24.91
N GLN B 91 -11.85 -0.90 -24.32
CA GLN B 91 -12.91 -1.22 -23.37
C GLN B 91 -12.75 -0.42 -22.07
N MET B 92 -11.53 -0.37 -21.54
CA MET B 92 -11.29 0.36 -20.30
C MET B 92 -11.59 1.85 -20.46
N THR B 93 -11.18 2.44 -21.59
CA THR B 93 -11.47 3.85 -21.83
C THR B 93 -12.96 4.10 -21.95
N GLN B 94 -13.68 3.23 -22.65
CA GLN B 94 -15.12 3.37 -22.76
C GLN B 94 -15.81 3.19 -21.41
N GLN B 95 -15.34 2.22 -20.62
CA GLN B 95 -15.90 2.03 -19.28
C GLN B 95 -15.53 3.17 -18.35
N LEU B 96 -14.37 3.80 -18.57
CA LEU B 96 -13.97 4.91 -17.73
C LEU B 96 -14.82 6.15 -17.98
N ASN B 97 -15.29 6.34 -19.21
CA ASN B 97 -16.09 7.50 -19.57
C ASN B 97 -17.58 7.28 -19.42
N SER B 98 -18.01 6.09 -18.99
CA SER B 98 -19.43 5.85 -18.78
C SER B 98 -19.92 6.63 -17.57
N ASP B 99 -21.18 7.05 -17.62
CA ASP B 99 -21.76 7.85 -16.55
C ASP B 99 -22.11 7.04 -15.32
N ASP B 100 -22.02 5.70 -15.38
CA ASP B 100 -22.19 4.87 -14.20
C ASP B 100 -20.94 5.00 -13.33
N MET B 101 -21.10 5.61 -12.15
CA MET B 101 -19.95 5.84 -11.27
C MET B 101 -19.35 4.52 -10.80
N GLN B 102 -20.17 3.48 -10.63
CA GLN B 102 -19.61 2.17 -10.27
C GLN B 102 -18.79 1.60 -11.40
N GLU B 103 -19.22 1.79 -12.65
CA GLU B 103 -18.39 1.39 -13.78
C GLU B 103 -17.15 2.26 -13.87
N GLN B 104 -17.25 3.53 -13.47
CA GLN B 104 -16.05 4.37 -13.38
C GLN B 104 -15.05 3.80 -12.40
N LEU B 105 -15.54 3.32 -11.25
CA LEU B 105 -14.64 2.77 -10.23
C LEU B 105 -13.98 1.49 -10.73
N SER B 106 -14.74 0.60 -11.37
CA SER B 106 -14.16 -0.64 -11.87
C SER B 106 -13.12 -0.36 -12.97
N ALA B 107 -13.38 0.66 -13.80
CA ALA B 107 -12.42 1.01 -14.83
C ALA B 107 -11.19 1.69 -14.25
N THR B 108 -11.39 2.54 -13.23
CA THR B 108 -10.26 3.19 -12.59
C THR B 108 -9.36 2.19 -11.89
N VAL B 109 -9.93 1.09 -11.38
CA VAL B 109 -9.13 0.05 -10.76
C VAL B 109 -8.26 -0.64 -11.82
N LYS B 110 -8.83 -0.91 -13.00
CA LYS B 110 -8.07 -1.56 -14.05
C LYS B 110 -6.90 -0.69 -14.51
N PHE B 111 -7.12 0.61 -14.66
CA PHE B 111 -6.02 1.50 -15.02
C PHE B 111 -4.92 1.49 -13.98
N ARG B 112 -5.31 1.54 -12.70
CA ARG B 112 -4.32 1.53 -11.62
C ARG B 112 -3.54 0.22 -11.61
N GLN B 113 -4.20 -0.90 -11.92
CA GLN B 113 -3.53 -2.20 -11.87
C GLN B 113 -2.46 -2.31 -12.93
N ILE B 114 -2.78 -1.93 -14.18
CA ILE B 114 -1.77 -2.03 -15.24
C ILE B 114 -0.69 -0.99 -15.06
N LEU B 115 -1.01 0.14 -14.45
CA LEU B 115 -0.01 1.14 -14.12
C LEU B 115 0.81 0.79 -12.90
N SER B 116 0.43 -0.26 -12.16
CA SER B 116 1.16 -0.70 -10.98
C SER B 116 2.06 -1.90 -11.25
N ARG B 117 2.23 -2.29 -12.51
CA ARG B 117 3.10 -3.42 -12.82
C ARG B 117 4.54 -3.07 -12.51
N GLU B 118 5.32 -4.08 -12.13
CA GLU B 118 6.65 -3.83 -11.58
C GLU B 118 7.62 -3.34 -12.67
N HIS B 119 7.51 -3.88 -13.87
CA HIS B 119 8.44 -3.56 -14.95
C HIS B 119 7.68 -3.02 -16.15
N ARG B 120 8.18 -1.92 -16.69
CA ARG B 120 7.68 -1.31 -17.93
C ARG B 120 6.17 -1.03 -17.86
N PRO B 121 5.73 -0.13 -16.99
CA PRO B 121 4.30 0.20 -16.94
C PRO B 121 3.90 1.00 -18.16
N PRO B 122 2.78 0.66 -18.80
CA PRO B 122 2.39 1.37 -20.04
C PRO B 122 1.92 2.79 -19.76
N ILE B 123 2.85 3.66 -19.36
CA ILE B 123 2.48 5.03 -19.00
C ILE B 123 2.12 5.82 -20.25
N ASP B 124 2.99 5.78 -21.27
CA ASP B 124 2.71 6.50 -22.50
C ASP B 124 1.46 5.96 -23.18
N VAL B 125 1.23 4.65 -23.10
CA VAL B 125 0.09 4.04 -23.77
C VAL B 125 -1.22 4.49 -23.15
N VAL B 126 -1.25 4.67 -21.84
CA VAL B 126 -2.44 5.21 -21.19
C VAL B 126 -2.47 6.75 -21.24
N ILE B 127 -1.31 7.39 -21.32
CA ILE B 127 -1.28 8.82 -21.61
C ILE B 127 -1.83 9.08 -23.01
N GLN B 128 -1.42 8.25 -23.97
CA GLN B 128 -1.94 8.35 -25.33
C GLN B 128 -3.44 8.05 -25.37
N ALA B 129 -3.92 7.20 -24.46
CA ALA B 129 -5.34 6.85 -24.43
C ALA B 129 -6.23 8.04 -24.10
N GLY B 130 -5.67 9.17 -23.68
CA GLY B 130 -6.47 10.35 -23.39
C GLY B 130 -7.30 10.27 -22.14
N VAL B 131 -6.94 9.39 -21.20
CA VAL B 131 -7.73 9.20 -19.98
C VAL B 131 -7.18 9.97 -18.80
N VAL B 132 -6.03 10.64 -18.96
CA VAL B 132 -5.46 11.40 -17.85
C VAL B 132 -6.36 12.54 -17.40
N PRO B 133 -6.95 13.37 -18.29
CA PRO B 133 -7.84 14.44 -17.81
C PRO B 133 -9.04 13.93 -17.05
N ARG B 134 -9.46 12.68 -17.24
CA ARG B 134 -10.57 12.14 -16.48
C ARG B 134 -10.12 11.54 -15.15
N LEU B 135 -8.87 11.08 -15.08
CA LEU B 135 -8.34 10.60 -13.80
C LEU B 135 -8.27 11.72 -12.78
N VAL B 136 -7.76 12.89 -13.19
CA VAL B 136 -7.73 14.05 -12.31
C VAL B 136 -9.14 14.57 -12.04
N GLU B 137 -10.10 14.30 -12.93
CA GLU B 137 -11.49 14.61 -12.64
C GLU B 137 -12.02 13.79 -11.47
N PHE B 138 -11.47 12.60 -11.25
CA PHE B 138 -11.95 11.72 -10.20
C PHE B 138 -11.38 12.07 -8.83
N MET B 139 -10.61 13.15 -8.72
CA MET B 139 -10.05 13.57 -7.45
C MET B 139 -10.69 14.86 -6.93
N ARG B 140 -11.81 15.28 -7.50
CA ARG B 140 -12.47 16.50 -7.05
C ARG B 140 -12.99 16.32 -5.62
N GLU B 141 -13.35 17.45 -5.01
CA GLU B 141 -13.84 17.43 -3.64
C GLU B 141 -15.10 16.58 -3.51
N ASN B 142 -16.00 16.67 -4.49
CA ASN B 142 -17.28 15.97 -4.42
C ASN B 142 -17.16 14.49 -4.71
N GLN B 143 -16.09 14.05 -5.38
CA GLN B 143 -16.00 12.68 -5.82
C GLN B 143 -15.91 11.72 -4.62
N PRO B 144 -16.43 10.50 -4.78
CA PRO B 144 -16.36 9.52 -3.68
C PRO B 144 -14.94 9.07 -3.41
N GLU B 145 -14.72 8.61 -2.19
CA GLU B 145 -13.36 8.32 -1.72
C GLU B 145 -12.73 7.17 -2.47
N MET B 146 -13.49 6.10 -2.72
CA MET B 146 -12.94 4.96 -3.45
C MET B 146 -12.48 5.36 -4.85
N LEU B 147 -13.17 6.32 -5.48
CA LEU B 147 -12.76 6.77 -6.79
C LEU B 147 -11.51 7.65 -6.72
N GLN B 148 -11.44 8.51 -5.69
CA GLN B 148 -10.27 9.36 -5.51
C GLN B 148 -9.03 8.50 -5.21
N LEU B 149 -9.20 7.42 -4.44
CA LEU B 149 -8.07 6.55 -4.13
C LEU B 149 -7.46 5.96 -5.39
N GLU B 150 -8.28 5.27 -6.19
CA GLU B 150 -7.77 4.62 -7.39
C GLU B 150 -7.25 5.62 -8.40
N ALA B 151 -7.84 6.81 -8.46
CA ALA B 151 -7.40 7.83 -9.42
C ALA B 151 -6.03 8.38 -9.03
N ALA B 152 -5.86 8.76 -7.76
CA ALA B 152 -4.58 9.29 -7.32
C ALA B 152 -3.48 8.24 -7.39
N TRP B 153 -3.83 6.98 -7.18
CA TRP B 153 -2.83 5.91 -7.30
C TRP B 153 -2.38 5.74 -8.74
N ALA B 154 -3.32 5.77 -9.69
CA ALA B 154 -2.95 5.66 -11.10
C ALA B 154 -2.12 6.86 -11.54
N LEU B 155 -2.51 8.06 -11.12
CA LEU B 155 -1.73 9.25 -11.44
C LEU B 155 -0.37 9.22 -10.76
N THR B 156 -0.27 8.56 -9.61
CA THR B 156 1.01 8.45 -8.92
C THR B 156 2.03 7.71 -9.78
N ASN B 157 1.64 6.56 -10.32
CA ASN B 157 2.56 5.77 -11.13
C ASN B 157 2.81 6.39 -12.50
N ILE B 158 1.92 7.27 -12.97
CA ILE B 158 2.21 8.03 -14.19
C ILE B 158 3.30 9.04 -13.94
N ALA B 159 3.26 9.72 -12.79
CA ALA B 159 4.26 10.71 -12.45
C ALA B 159 5.60 10.09 -12.10
N SER B 160 5.63 8.78 -11.82
CA SER B 160 6.89 8.11 -11.48
C SER B 160 7.75 7.83 -12.70
N GLY B 161 7.26 8.09 -13.91
CA GLY B 161 8.01 7.79 -15.11
C GLY B 161 8.92 8.91 -15.57
N THR B 162 9.00 9.09 -16.89
CA THR B 162 9.89 10.08 -17.48
C THR B 162 9.51 11.48 -17.00
N SER B 163 10.49 12.38 -16.99
CA SER B 163 10.23 13.78 -16.68
C SER B 163 9.18 14.38 -17.60
N ALA B 164 9.00 13.84 -18.80
CA ALA B 164 7.92 14.26 -19.67
C ALA B 164 6.57 13.65 -19.27
N GLN B 165 6.59 12.41 -18.77
CA GLN B 165 5.35 11.78 -18.33
C GLN B 165 4.81 12.44 -17.06
N THR B 166 5.70 12.93 -16.19
CA THR B 166 5.25 13.69 -15.03
C THR B 166 4.66 15.04 -15.44
N LYS B 167 5.15 15.60 -16.55
CA LYS B 167 4.61 16.88 -17.04
C LYS B 167 3.14 16.76 -17.38
N VAL B 168 2.68 15.59 -17.81
CA VAL B 168 1.27 15.40 -18.13
C VAL B 168 0.41 15.57 -16.88
N VAL B 169 0.87 15.02 -15.75
CA VAL B 169 0.07 15.08 -14.53
C VAL B 169 -0.01 16.50 -13.99
N VAL B 170 1.09 17.26 -14.11
CA VAL B 170 1.08 18.61 -13.56
C VAL B 170 0.33 19.57 -14.49
N ASP B 171 0.34 19.32 -15.80
CA ASP B 171 -0.39 20.16 -16.73
C ASP B 171 -1.87 19.80 -16.81
N ALA B 172 -2.29 18.75 -16.12
CA ALA B 172 -3.70 18.49 -15.87
C ALA B 172 -4.19 19.20 -14.61
N ASP B 173 -3.36 20.05 -14.02
CA ASP B 173 -3.71 20.82 -12.82
C ASP B 173 -4.05 19.90 -11.65
N ALA B 174 -3.28 18.82 -11.49
CA ALA B 174 -3.57 17.80 -10.50
C ALA B 174 -2.92 18.05 -9.15
N VAL B 175 -1.82 18.82 -9.12
CA VAL B 175 -1.11 19.05 -7.85
C VAL B 175 -2.01 19.68 -6.79
N PRO B 176 -2.78 20.73 -7.07
CA PRO B 176 -3.67 21.26 -6.02
C PRO B 176 -4.70 20.25 -5.53
N LEU B 177 -5.22 19.40 -6.43
CA LEU B 177 -6.16 18.38 -6.00
C LEU B 177 -5.48 17.35 -5.11
N PHE B 178 -4.21 17.03 -5.39
CA PHE B 178 -3.45 16.16 -4.49
C PHE B 178 -3.36 16.74 -3.10
N ILE B 179 -3.14 18.05 -3.00
CA ILE B 179 -3.03 18.71 -1.70
C ILE B 179 -4.40 18.79 -1.03
N GLN B 180 -5.47 18.99 -1.80
CA GLN B 180 -6.80 19.02 -1.21
C GLN B 180 -7.15 17.68 -0.55
N LEU B 181 -6.79 16.58 -1.20
CA LEU B 181 -7.07 15.26 -0.62
C LEU B 181 -6.27 15.01 0.65
N LEU B 182 -5.16 15.73 0.85
CA LEU B 182 -4.44 15.64 2.12
C LEU B 182 -5.26 16.20 3.28
N TYR B 183 -6.31 16.96 3.00
CA TYR B 183 -7.20 17.50 4.01
C TYR B 183 -8.49 16.68 4.13
N THR B 184 -9.17 16.43 3.02
CA THR B 184 -10.52 15.90 3.06
C THR B 184 -10.54 14.40 3.31
N GLY B 185 -9.80 13.64 2.50
CA GLY B 185 -9.95 12.20 2.46
C GLY B 185 -9.41 11.51 3.70
N SER B 186 -9.57 10.18 3.68
CA SER B 186 -9.17 9.32 4.79
C SER B 186 -7.65 9.12 4.78
N VAL B 187 -7.18 8.18 5.60
CA VAL B 187 -5.75 7.89 5.66
C VAL B 187 -5.27 7.24 4.36
N GLU B 188 -6.12 6.41 3.75
CA GLU B 188 -5.72 5.70 2.53
C GLU B 188 -5.40 6.67 1.41
N VAL B 189 -6.32 7.59 1.11
CA VAL B 189 -6.10 8.53 0.02
C VAL B 189 -4.97 9.51 0.37
N LYS B 190 -4.83 9.86 1.65
CA LYS B 190 -3.74 10.75 2.05
C LYS B 190 -2.39 10.09 1.78
N GLU B 191 -2.25 8.81 2.12
CA GLU B 191 -1.04 8.08 1.77
C GLU B 191 -0.89 7.94 0.26
N GLN B 192 -2.00 7.97 -0.47
CA GLN B 192 -1.95 7.85 -1.93
C GLN B 192 -1.50 9.15 -2.58
N ALA B 193 -2.04 10.28 -2.12
CA ALA B 193 -1.71 11.56 -2.73
C ALA B 193 -0.33 12.07 -2.32
N ILE B 194 0.10 11.79 -1.09
CA ILE B 194 1.43 12.18 -0.67
C ILE B 194 2.49 11.43 -1.46
N TRP B 195 2.15 10.25 -1.99
CA TRP B 195 3.06 9.53 -2.86
C TRP B 195 3.19 10.22 -4.21
N ALA B 196 2.08 10.68 -4.77
CA ALA B 196 2.12 11.35 -6.06
C ALA B 196 2.83 12.69 -5.96
N LEU B 197 2.61 13.43 -4.88
CA LEU B 197 3.32 14.69 -4.68
C LEU B 197 4.81 14.46 -4.52
N GLY B 198 5.21 13.31 -3.98
CA GLY B 198 6.63 13.01 -3.85
C GLY B 198 7.29 12.80 -5.20
N ASN B 199 6.62 12.08 -6.11
CA ASN B 199 7.17 11.89 -7.44
C ASN B 199 7.24 13.20 -8.21
N VAL B 200 6.26 14.09 -8.00
CA VAL B 200 6.26 15.38 -8.66
C VAL B 200 7.42 16.24 -8.14
N ALA B 201 7.52 16.39 -6.83
CA ALA B 201 8.53 17.25 -6.22
C ALA B 201 9.95 16.72 -6.41
N GLY B 202 10.11 15.48 -6.87
CA GLY B 202 11.44 14.92 -7.02
C GLY B 202 11.97 14.93 -8.44
N ASP B 203 11.12 15.29 -9.40
CA ASP B 203 11.54 15.26 -10.80
C ASP B 203 12.59 16.32 -11.09
N SER B 204 12.27 17.58 -10.77
CA SER B 204 13.20 18.69 -10.99
C SER B 204 12.96 19.75 -9.93
N THR B 205 13.69 20.85 -10.03
CA THR B 205 13.60 21.92 -9.04
C THR B 205 12.39 22.80 -9.26
N ASP B 206 11.93 22.96 -10.51
CA ASP B 206 10.75 23.78 -10.77
C ASP B 206 9.48 23.11 -10.27
N TYR B 207 9.43 21.78 -10.32
CA TYR B 207 8.29 21.05 -9.77
C TYR B 207 8.33 21.01 -8.25
N ARG B 208 9.52 21.01 -7.66
CA ARG B 208 9.63 21.09 -6.21
C ARG B 208 9.09 22.42 -5.70
N ASP B 209 9.43 23.52 -6.37
CA ASP B 209 8.90 24.82 -6.00
C ASP B 209 7.40 24.89 -6.25
N TYR B 210 6.93 24.27 -7.36
CA TYR B 210 5.51 24.28 -7.67
C TYR B 210 4.70 23.62 -6.57
N VAL B 211 5.18 22.50 -6.03
CA VAL B 211 4.50 21.85 -4.92
C VAL B 211 4.49 22.76 -3.70
N LEU B 212 5.63 23.38 -3.39
CA LEU B 212 5.67 24.37 -2.31
C LEU B 212 4.83 25.59 -2.65
N GLN B 213 4.73 25.93 -3.94
CA GLN B 213 3.97 27.11 -4.35
C GLN B 213 2.49 26.97 -4.00
N CYS B 214 1.97 25.74 -3.98
CA CYS B 214 0.57 25.49 -3.68
C CYS B 214 0.32 25.23 -2.19
N ASN B 215 1.20 25.73 -1.32
CA ASN B 215 1.03 25.64 0.13
C ASN B 215 0.90 24.18 0.59
N ALA B 216 1.72 23.31 0.03
CA ALA B 216 1.68 21.90 0.40
C ALA B 216 2.31 21.63 1.75
N MET B 217 3.07 22.57 2.31
CA MET B 217 3.81 22.29 3.55
C MET B 217 2.87 22.09 4.73
N GLU B 218 1.85 22.93 4.86
CA GLU B 218 0.97 22.84 6.02
C GLU B 218 0.19 21.52 6.06
N PRO B 219 -0.40 21.03 4.97
CA PRO B 219 -1.07 19.71 5.06
C PRO B 219 -0.08 18.56 5.24
N ILE B 220 1.10 18.63 4.63
CA ILE B 220 2.06 17.53 4.74
C ILE B 220 2.51 17.37 6.19
N LEU B 221 2.89 18.49 6.83
CA LEU B 221 3.33 18.42 8.22
C LEU B 221 2.21 17.95 9.14
N GLY B 222 0.96 18.21 8.78
CA GLY B 222 -0.17 17.73 9.58
C GLY B 222 -0.39 16.24 9.49
N LEU B 223 0.20 15.58 8.49
CA LEU B 223 0.02 14.14 8.33
C LEU B 223 0.85 13.32 9.32
N PHE B 224 1.74 13.94 10.07
CA PHE B 224 2.67 13.22 10.93
C PHE B 224 2.13 12.97 12.33
N ASN B 225 0.82 13.16 12.54
CA ASN B 225 0.17 12.74 13.77
C ASN B 225 -0.56 11.42 13.63
N SER B 226 -0.59 10.85 12.42
CA SER B 226 -1.28 9.60 12.18
C SER B 226 -0.47 8.45 12.76
N ASN B 227 -1.00 7.23 12.59
CA ASN B 227 -0.46 6.04 13.25
C ASN B 227 0.27 5.10 12.32
N LYS B 228 -0.24 4.88 11.10
CA LYS B 228 0.29 3.86 10.22
C LYS B 228 1.73 4.18 9.84
N PRO B 229 2.68 3.28 10.08
CA PRO B 229 4.09 3.58 9.74
C PRO B 229 4.33 3.77 8.25
N SER B 230 3.43 3.30 7.39
CA SER B 230 3.62 3.49 5.96
C SER B 230 3.27 4.90 5.52
N LEU B 231 2.26 5.50 6.16
CA LEU B 231 1.90 6.88 5.82
C LEU B 231 3.03 7.84 6.18
N ILE B 232 3.59 7.71 7.38
CA ILE B 232 4.71 8.55 7.77
C ILE B 232 5.98 8.18 7.00
N ARG B 233 6.03 6.98 6.41
CA ARG B 233 7.16 6.60 5.58
C ARG B 233 7.11 7.33 4.24
N THR B 234 5.95 7.32 3.59
CA THR B 234 5.81 8.02 2.32
C THR B 234 5.84 9.53 2.51
N ALA B 235 5.26 10.01 3.61
CA ALA B 235 5.26 11.45 3.88
C ALA B 235 6.67 11.96 4.14
N THR B 236 7.48 11.18 4.86
CA THR B 236 8.87 11.58 5.11
C THR B 236 9.66 11.62 3.80
N TRP B 237 9.43 10.64 2.92
CA TRP B 237 10.13 10.62 1.64
C TRP B 237 9.78 11.82 0.78
N THR B 238 8.48 12.18 0.74
CA THR B 238 8.09 13.39 0.02
C THR B 238 8.71 14.63 0.65
N LEU B 239 8.71 14.69 1.99
CA LEU B 239 9.36 15.80 2.68
C LEU B 239 10.86 15.82 2.46
N SER B 240 11.46 14.67 2.11
CA SER B 240 12.87 14.64 1.75
C SER B 240 13.11 15.32 0.40
N ASN B 241 12.24 15.06 -0.57
CA ASN B 241 12.36 15.71 -1.88
C ASN B 241 12.04 17.20 -1.81
N LEU B 242 11.28 17.63 -0.82
CA LEU B 242 10.97 19.06 -0.68
C LEU B 242 12.17 19.85 -0.18
N CYS B 243 12.91 19.32 0.81
CA CYS B 243 14.12 19.97 1.30
C CYS B 243 15.29 19.81 0.34
N ARG B 244 15.07 19.17 -0.80
CA ARG B 244 16.11 18.75 -1.73
C ARG B 244 16.36 19.83 -2.78
N GLY B 245 17.39 19.60 -3.59
CA GLY B 245 17.77 20.52 -4.65
C GLY B 245 18.63 21.65 -4.12
N LYS B 246 19.76 21.90 -4.78
CA LYS B 246 20.67 22.95 -4.33
C LYS B 246 21.00 23.98 -5.40
N LYS B 247 20.85 23.69 -6.69
CA LYS B 247 21.10 24.71 -7.71
C LYS B 247 20.15 25.89 -7.53
N PRO B 248 18.82 25.72 -7.46
CA PRO B 248 18.00 26.74 -6.81
C PRO B 248 17.39 26.19 -5.53
N GLN B 249 17.94 26.59 -4.38
CA GLN B 249 17.56 25.97 -3.11
C GLN B 249 16.08 26.20 -2.81
N PRO B 250 15.47 25.30 -2.03
CA PRO B 250 14.06 25.49 -1.64
C PRO B 250 13.88 26.75 -0.83
N ASP B 251 12.67 27.31 -0.90
CA ASP B 251 12.32 28.50 -0.13
C ASP B 251 12.53 28.22 1.35
N TRP B 252 13.48 28.91 1.97
CA TRP B 252 13.80 28.66 3.37
C TRP B 252 12.60 28.94 4.27
N SER B 253 11.73 29.88 3.88
CA SER B 253 10.59 30.21 4.71
C SER B 253 9.59 29.05 4.76
N VAL B 254 9.19 28.54 3.59
CA VAL B 254 8.17 27.50 3.56
C VAL B 254 8.70 26.15 4.00
N VAL B 255 10.02 25.94 3.94
CA VAL B 255 10.58 24.63 4.25
C VAL B 255 11.04 24.53 5.71
N SER B 256 11.52 25.62 6.29
CA SER B 256 12.02 25.59 7.67
C SER B 256 10.94 25.25 8.69
N GLN B 257 9.68 25.16 8.28
CA GLN B 257 8.61 24.78 9.19
C GLN B 257 8.62 23.30 9.52
N ALA B 258 9.42 22.50 8.81
CA ALA B 258 9.38 21.04 8.95
C ALA B 258 10.38 20.49 9.95
N LEU B 259 11.36 21.30 10.37
CA LEU B 259 12.37 20.78 11.29
C LEU B 259 11.81 20.31 12.63
N PRO B 260 10.86 21.00 13.28
CA PRO B 260 10.26 20.44 14.50
C PRO B 260 9.63 19.09 14.28
N THR B 261 9.07 18.83 13.09
CA THR B 261 8.55 17.51 12.78
C THR B 261 9.67 16.52 12.49
N LEU B 262 10.75 16.96 11.87
CA LEU B 262 11.88 16.08 11.61
C LEU B 262 12.61 15.71 12.89
N ALA B 263 12.61 16.62 13.88
CA ALA B 263 13.29 16.33 15.14
C ALA B 263 12.71 15.12 15.84
N LYS B 264 11.42 14.83 15.62
CA LYS B 264 10.78 13.65 16.18
C LYS B 264 10.97 12.42 15.32
N LEU B 265 11.07 12.60 14.00
CA LEU B 265 11.17 11.46 13.07
C LEU B 265 12.49 10.72 13.20
N ILE B 266 13.54 11.36 13.71
CA ILE B 266 14.81 10.66 13.89
C ILE B 266 14.67 9.60 14.97
N TYR B 267 13.76 9.80 15.92
CA TYR B 267 13.54 8.85 17.01
C TYR B 267 12.74 7.63 16.60
N SER B 268 12.39 7.50 15.32
CA SER B 268 11.67 6.33 14.86
C SER B 268 12.58 5.11 14.81
N MET B 269 11.98 3.94 14.63
CA MET B 269 12.73 2.70 14.48
C MET B 269 12.61 2.10 13.09
N ASP B 270 11.60 2.49 12.31
CA ASP B 270 11.48 2.03 10.92
C ASP B 270 12.70 2.49 10.14
N THR B 271 13.48 1.53 9.65
CA THR B 271 14.76 1.86 9.01
C THR B 271 14.56 2.68 7.74
N GLU B 272 13.45 2.47 7.03
CA GLU B 272 13.25 3.17 5.76
C GLU B 272 12.83 4.62 5.97
N THR B 273 12.14 4.93 7.07
CA THR B 273 11.66 6.29 7.29
C THR B 273 12.80 7.21 7.71
N LEU B 274 13.54 6.82 8.76
CA LEU B 274 14.55 7.72 9.31
C LEU B 274 15.68 7.99 8.32
N VAL B 275 15.92 7.07 7.37
CA VAL B 275 16.88 7.34 6.30
C VAL B 275 16.43 8.53 5.48
N ASP B 276 15.16 8.52 5.04
CA ASP B 276 14.61 9.69 4.35
C ASP B 276 14.58 10.91 5.26
N ALA B 277 14.37 10.70 6.56
CA ALA B 277 14.35 11.82 7.49
C ALA B 277 15.73 12.42 7.67
N CYS B 278 16.77 11.58 7.69
CA CYS B 278 18.13 12.08 7.85
C CYS B 278 18.60 12.83 6.62
N TRP B 279 18.31 12.31 5.43
CA TRP B 279 18.70 13.00 4.20
C TRP B 279 18.04 14.37 4.10
N ALA B 280 16.77 14.47 4.50
CA ALA B 280 16.09 15.76 4.48
C ALA B 280 16.74 16.75 5.43
N ILE B 281 17.32 16.26 6.53
CA ILE B 281 18.00 17.14 7.46
C ILE B 281 19.33 17.59 6.89
N SER B 282 20.08 16.67 6.27
CA SER B 282 21.34 17.04 5.63
C SER B 282 21.12 18.03 4.50
N TYR B 283 20.00 17.92 3.78
CA TYR B 283 19.67 18.91 2.76
C TYR B 283 19.38 20.28 3.36
N LEU B 284 18.79 20.32 4.55
CA LEU B 284 18.47 21.59 5.18
C LEU B 284 19.63 22.18 5.97
N SER B 285 20.48 21.33 6.57
CA SER B 285 21.64 21.82 7.28
C SER B 285 22.67 22.46 6.35
N ASP B 286 22.46 22.42 5.04
CA ASP B 286 23.36 23.04 4.08
C ASP B 286 22.78 24.39 3.66
N GLY B 287 23.48 25.47 3.97
CA GLY B 287 23.05 26.80 3.61
C GLY B 287 23.71 27.87 4.45
N PRO B 288 23.12 29.07 4.48
CA PRO B 288 23.65 30.13 5.35
C PRO B 288 23.36 29.83 6.81
N GLN B 289 23.89 30.70 7.67
CA GLN B 289 23.78 30.47 9.11
C GLN B 289 22.33 30.55 9.60
N GLU B 290 21.42 31.09 8.79
CA GLU B 290 20.00 31.08 9.16
C GLU B 290 19.47 29.67 9.28
N ALA B 291 20.07 28.72 8.57
CA ALA B 291 19.68 27.31 8.59
C ALA B 291 20.47 26.48 9.60
N ILE B 292 21.80 26.66 9.65
CA ILE B 292 22.62 25.88 10.57
C ILE B 292 22.21 26.18 12.01
N GLN B 293 21.96 27.46 12.32
CA GLN B 293 21.46 27.81 13.65
C GLN B 293 20.06 27.29 13.86
N ALA B 294 19.25 27.21 12.80
CA ALA B 294 17.90 26.70 12.94
C ALA B 294 17.89 25.20 13.23
N VAL B 295 18.69 24.43 12.48
CA VAL B 295 18.78 22.99 12.71
C VAL B 295 19.20 22.70 14.14
N ILE B 296 20.21 23.42 14.63
CA ILE B 296 20.77 23.15 15.95
C ILE B 296 19.88 23.67 17.07
N ASP B 297 19.01 24.64 16.78
CA ASP B 297 18.10 25.18 17.78
C ASP B 297 16.88 24.30 18.03
N VAL B 298 16.69 23.24 17.24
CA VAL B 298 15.52 22.39 17.37
C VAL B 298 15.94 20.97 17.74
N ARG B 299 16.80 20.84 18.75
CA ARG B 299 17.08 19.61 19.48
C ARG B 299 17.57 18.45 18.61
N ILE B 300 17.93 18.71 17.36
CA ILE B 300 18.23 17.64 16.40
C ILE B 300 19.61 17.02 16.60
N PRO B 301 20.71 17.81 16.61
CA PRO B 301 22.04 17.19 16.47
C PRO B 301 22.43 16.22 17.57
N LYS B 302 21.71 16.19 18.70
CA LYS B 302 22.05 15.25 19.76
C LYS B 302 21.87 13.80 19.31
N ARG B 303 20.78 13.52 18.59
CA ARG B 303 20.55 12.16 18.11
C ARG B 303 21.31 11.86 16.82
N LEU B 304 21.63 12.88 16.03
CA LEU B 304 22.39 12.65 14.80
C LEU B 304 23.71 11.95 15.09
N VAL B 305 24.31 12.21 16.24
CA VAL B 305 25.48 11.45 16.64
C VAL B 305 25.09 10.06 17.15
N GLU B 306 23.92 9.95 17.80
CA GLU B 306 23.44 8.63 18.20
C GLU B 306 23.14 7.76 16.98
N LEU B 307 22.75 8.37 15.85
CA LEU B 307 22.54 7.62 14.62
C LEU B 307 23.80 7.52 13.77
N LEU B 308 24.89 8.18 14.16
CA LEU B 308 26.19 7.83 13.59
C LEU B 308 26.54 6.39 13.90
N SER B 309 25.99 5.86 14.99
CA SER B 309 26.13 4.45 15.36
C SER B 309 24.81 3.75 15.03
N HIS B 310 24.76 3.09 13.88
CA HIS B 310 23.62 2.29 13.48
C HIS B 310 24.13 1.05 12.77
N GLU B 311 23.23 0.08 12.59
CA GLU B 311 23.60 -1.22 12.04
C GLU B 311 24.20 -1.09 10.64
N SER B 312 23.40 -0.73 9.65
CA SER B 312 23.85 -0.60 8.27
C SER B 312 24.27 0.83 7.97
N THR B 313 24.85 1.01 6.78
CA THR B 313 25.40 2.29 6.35
C THR B 313 24.37 3.17 5.66
N LEU B 314 23.18 2.65 5.33
CA LEU B 314 22.18 3.44 4.63
C LEU B 314 21.71 4.64 5.45
N VAL B 315 21.88 4.61 6.77
CA VAL B 315 21.52 5.74 7.62
C VAL B 315 22.74 6.47 8.14
N GLN B 316 23.88 5.81 8.24
CA GLN B 316 25.11 6.48 8.69
C GLN B 316 25.49 7.60 7.73
N THR B 317 25.29 7.41 6.42
CA THR B 317 25.70 8.43 5.46
C THR B 317 24.89 9.71 5.55
N PRO B 318 23.55 9.69 5.54
CA PRO B 318 22.81 10.97 5.67
C PRO B 318 23.02 11.65 7.00
N ALA B 319 23.15 10.89 8.09
CA ALA B 319 23.38 11.51 9.39
C ALA B 319 24.77 12.12 9.49
N LEU B 320 25.77 11.47 8.87
CA LEU B 320 27.12 12.03 8.86
C LEU B 320 27.17 13.29 8.00
N ARG B 321 26.47 13.29 6.86
CA ARG B 321 26.36 14.50 6.07
C ARG B 321 25.63 15.59 6.84
N ALA B 322 24.65 15.20 7.67
CA ALA B 322 23.94 16.18 8.49
C ALA B 322 24.87 16.84 9.48
N VAL B 323 25.57 16.04 10.30
CA VAL B 323 26.56 16.60 11.22
C VAL B 323 27.72 17.21 10.46
N GLY B 324 27.88 16.90 9.17
CA GLY B 324 28.95 17.51 8.40
C GLY B 324 28.64 18.94 8.00
N ASN B 325 27.39 19.21 7.65
CA ASN B 325 26.99 20.56 7.28
C ASN B 325 26.78 21.46 8.48
N ILE B 326 26.70 20.90 9.69
CA ILE B 326 26.51 21.71 10.88
C ILE B 326 27.81 22.43 11.24
N VAL B 327 28.95 21.74 11.13
CA VAL B 327 30.23 22.35 11.47
C VAL B 327 30.70 23.40 10.48
N THR B 328 29.97 23.61 9.38
CA THR B 328 30.29 24.67 8.44
C THR B 328 29.99 26.05 9.00
N GLY B 329 29.29 26.14 10.12
CA GLY B 329 28.98 27.40 10.75
C GLY B 329 30.08 27.87 11.69
N ASN B 330 29.73 28.83 12.54
CA ASN B 330 30.69 29.40 13.47
C ASN B 330 31.05 28.38 14.56
N ASP B 331 31.94 28.80 15.47
CA ASP B 331 32.49 27.89 16.45
C ASP B 331 31.62 27.71 17.68
N LEU B 332 30.59 28.53 17.86
CA LEU B 332 29.55 28.24 18.84
C LEU B 332 28.53 27.24 18.31
N GLN B 333 28.58 26.93 17.01
CA GLN B 333 27.75 25.90 16.40
C GLN B 333 28.44 24.54 16.41
N THR B 334 29.74 24.52 16.11
CA THR B 334 30.50 23.27 16.20
C THR B 334 30.68 22.84 17.64
N GLN B 335 30.69 23.78 18.58
CA GLN B 335 30.85 23.46 19.99
C GLN B 335 29.72 22.59 20.52
N VAL B 336 28.54 22.66 19.90
CA VAL B 336 27.40 21.90 20.40
C VAL B 336 27.47 20.45 19.97
N VAL B 337 27.90 20.18 18.73
CA VAL B 337 28.04 18.80 18.28
C VAL B 337 29.08 18.08 19.11
N ILE B 338 30.11 18.79 19.57
CA ILE B 338 31.14 18.20 20.41
C ILE B 338 30.55 17.70 21.73
N ASN B 339 29.45 18.30 22.17
CA ASN B 339 28.83 17.90 23.43
C ASN B 339 28.22 16.51 23.33
N ALA B 340 27.68 16.14 22.17
CA ALA B 340 26.94 14.89 22.03
C ALA B 340 27.88 13.72 21.76
N GLY B 341 29.12 13.82 22.25
CA GLY B 341 30.09 12.75 22.04
C GLY B 341 30.34 12.46 20.59
N VAL B 342 30.48 13.51 19.77
CA VAL B 342 30.66 13.31 18.34
C VAL B 342 32.04 12.72 18.04
N LEU B 343 33.05 13.07 18.84
CA LEU B 343 34.42 12.67 18.50
C LEU B 343 34.65 11.17 18.72
N PRO B 344 34.27 10.57 19.86
CA PRO B 344 34.35 9.10 19.94
C PRO B 344 33.48 8.40 18.93
N ALA B 345 32.51 9.10 18.34
CA ALA B 345 31.71 8.48 17.29
C ALA B 345 32.37 8.62 15.94
N LEU B 346 33.16 9.68 15.74
CA LEU B 346 33.86 9.86 14.46
C LEU B 346 34.96 8.83 14.27
N ARG B 347 35.62 8.43 15.36
CA ARG B 347 36.65 7.39 15.26
C ARG B 347 36.05 6.05 14.85
N LEU B 348 34.84 5.74 15.34
CA LEU B 348 34.16 4.54 14.91
C LEU B 348 33.91 4.54 13.40
N LEU B 349 33.71 5.71 12.82
CA LEU B 349 33.50 5.81 11.37
C LEU B 349 34.79 5.81 10.58
N LEU B 350 35.92 6.16 11.22
CA LEU B 350 37.20 6.18 10.52
C LEU B 350 37.69 4.79 10.12
N SER B 351 37.07 3.73 10.63
CA SER B 351 37.38 2.36 10.26
C SER B 351 36.16 1.67 9.66
N SER B 352 35.27 2.44 9.05
CA SER B 352 34.06 1.88 8.47
C SER B 352 34.38 1.15 7.17
N PRO B 353 33.62 0.10 6.84
CA PRO B 353 33.88 -0.61 5.56
C PRO B 353 33.61 0.24 4.34
N LYS B 354 32.65 1.16 4.40
CA LYS B 354 32.38 2.04 3.27
C LYS B 354 33.36 3.21 3.29
N GLU B 355 34.00 3.45 2.14
CA GLU B 355 35.05 4.47 2.08
C GLU B 355 34.47 5.88 2.18
N ASN B 356 33.26 6.11 1.65
CA ASN B 356 32.68 7.44 1.73
C ASN B 356 32.35 7.84 3.16
N ILE B 357 32.13 6.87 4.04
CA ILE B 357 31.97 7.17 5.46
C ILE B 357 33.31 7.60 6.06
N LYS B 358 34.40 6.98 5.60
CA LYS B 358 35.73 7.41 6.04
C LYS B 358 36.01 8.84 5.59
N LYS B 359 35.72 9.14 4.33
CA LYS B 359 36.05 10.45 3.77
C LYS B 359 35.23 11.56 4.43
N GLU B 360 33.91 11.41 4.46
CA GLU B 360 33.08 12.45 5.06
C GLU B 360 33.31 12.59 6.56
N ALA B 361 33.82 11.55 7.23
CA ALA B 361 34.28 11.72 8.60
C ALA B 361 35.49 12.63 8.65
N CYS B 362 36.46 12.41 7.76
CA CYS B 362 37.64 13.27 7.72
C CYS B 362 37.28 14.69 7.34
N TRP B 363 36.25 14.87 6.50
CA TRP B 363 35.80 16.21 6.16
C TRP B 363 35.16 16.91 7.34
N THR B 364 34.47 16.16 8.21
CA THR B 364 33.93 16.73 9.43
C THR B 364 35.03 17.05 10.44
N ILE B 365 35.96 16.11 10.62
CA ILE B 365 37.09 16.33 11.51
C ILE B 365 37.93 17.52 11.03
N SER B 366 37.90 17.79 9.73
CA SER B 366 38.65 18.92 9.19
C SER B 366 38.12 20.25 9.71
N ASN B 367 36.79 20.42 9.71
CA ASN B 367 36.22 21.72 10.05
C ASN B 367 36.16 21.96 11.55
N ILE B 368 36.05 20.90 12.37
CA ILE B 368 36.12 21.08 13.81
C ILE B 368 37.53 21.44 14.25
N THR B 369 38.54 21.06 13.47
CA THR B 369 39.91 21.51 13.69
C THR B 369 40.17 22.88 13.09
N ALA B 370 39.12 23.65 12.80
CA ALA B 370 39.24 24.99 12.23
C ALA B 370 38.41 25.98 13.05
N GLY B 371 38.42 25.81 14.37
CA GLY B 371 37.68 26.69 15.24
C GLY B 371 38.54 27.28 16.34
N ASN B 372 38.10 27.14 17.58
CA ASN B 372 38.91 27.58 18.72
C ASN B 372 40.12 26.65 18.87
N THR B 373 41.16 27.17 19.52
CA THR B 373 42.30 26.34 19.85
C THR B 373 41.93 25.25 20.85
N GLU B 374 40.89 25.48 21.65
CA GLU B 374 40.38 24.45 22.53
C GLU B 374 39.50 23.44 21.80
N GLN B 375 38.96 23.80 20.64
CA GLN B 375 38.26 22.82 19.82
C GLN B 375 39.24 21.89 19.11
N ILE B 376 40.47 22.35 18.87
CA ILE B 376 41.52 21.45 18.42
C ILE B 376 41.84 20.44 19.51
N GLN B 377 41.96 20.92 20.75
CA GLN B 377 42.25 20.03 21.88
C GLN B 377 41.20 18.94 22.01
N ALA B 378 39.94 19.26 21.72
CA ALA B 378 38.90 18.25 21.69
C ALA B 378 39.26 17.12 20.74
N VAL B 379 39.74 17.47 19.55
CA VAL B 379 40.19 16.45 18.60
C VAL B 379 41.49 15.82 19.06
N ILE B 380 42.30 16.54 19.84
CA ILE B 380 43.55 15.99 20.35
C ILE B 380 43.27 14.85 21.32
N ASP B 381 42.54 15.14 22.40
CA ASP B 381 42.29 14.15 23.43
C ASP B 381 41.38 13.02 22.97
N ALA B 382 40.58 13.25 21.94
CA ALA B 382 39.62 12.24 21.48
C ALA B 382 40.28 11.07 20.76
N ASN B 383 41.61 11.01 20.69
CA ASN B 383 42.33 9.91 20.05
C ASN B 383 41.92 9.75 18.58
N LEU B 384 41.73 10.88 17.90
CA LEU B 384 41.32 10.89 16.50
C LEU B 384 42.48 11.02 15.53
N ILE B 385 43.66 11.43 16.01
CA ILE B 385 44.79 11.73 15.13
C ILE B 385 45.62 10.49 14.80
N PRO B 386 45.85 9.55 15.72
CA PRO B 386 46.56 8.32 15.35
C PRO B 386 45.95 7.64 14.14
N PRO B 387 44.61 7.49 14.05
CA PRO B 387 44.05 6.90 12.83
C PRO B 387 44.08 7.83 11.62
N LEU B 388 44.13 9.14 11.83
CA LEU B 388 44.16 10.08 10.71
C LEU B 388 45.52 10.12 10.02
N VAL B 389 46.61 9.98 10.78
CA VAL B 389 47.93 10.03 10.16
C VAL B 389 48.19 8.76 9.36
N LYS B 390 47.63 7.63 9.79
CA LYS B 390 47.74 6.41 8.98
C LYS B 390 46.86 6.49 7.74
N LEU B 391 45.72 7.17 7.84
CA LEU B 391 44.95 7.49 6.64
C LEU B 391 45.74 8.38 5.70
N LEU B 392 46.55 9.29 6.25
CA LEU B 392 47.36 10.18 5.43
C LEU B 392 48.48 9.45 4.70
N GLU B 393 48.67 8.16 4.95
CA GLU B 393 49.71 7.37 4.31
C GLU B 393 49.18 6.31 3.36
N VAL B 394 48.27 5.46 3.82
CA VAL B 394 47.89 4.26 3.07
C VAL B 394 46.56 4.48 2.34
N ALA B 395 45.70 5.32 2.89
CA ALA B 395 44.40 5.55 2.27
C ALA B 395 44.56 6.21 0.91
N GLU B 396 43.47 6.25 0.15
CA GLU B 396 43.53 6.78 -1.20
C GLU B 396 43.45 8.31 -1.19
N TYR B 397 43.70 8.89 -2.37
CA TYR B 397 43.84 10.35 -2.47
C TYR B 397 42.56 11.07 -2.12
N LYS B 398 41.40 10.49 -2.44
CA LYS B 398 40.13 11.13 -2.12
C LYS B 398 39.93 11.23 -0.61
N THR B 399 40.52 10.33 0.16
CA THR B 399 40.45 10.37 1.61
C THR B 399 41.68 11.02 2.25
N LYS B 400 42.85 10.91 1.63
CA LYS B 400 44.04 11.57 2.16
C LYS B 400 43.93 13.08 2.08
N LYS B 401 43.25 13.59 1.05
CA LYS B 401 43.07 15.03 0.91
C LYS B 401 42.31 15.60 2.11
N GLU B 402 41.15 15.02 2.42
CA GLU B 402 40.38 15.50 3.57
C GLU B 402 41.09 15.20 4.88
N ALA B 403 41.90 14.14 4.92
CA ALA B 403 42.71 13.87 6.10
C ALA B 403 43.81 14.92 6.26
N CYS B 404 44.36 15.41 5.15
CA CYS B 404 45.36 16.48 5.22
C CYS B 404 44.74 17.77 5.73
N TRP B 405 43.55 18.13 5.22
CA TRP B 405 42.86 19.31 5.72
C TRP B 405 42.63 19.22 7.22
N ALA B 406 42.30 18.03 7.72
CA ALA B 406 42.13 17.86 9.16
C ALA B 406 43.45 18.03 9.89
N ILE B 407 44.53 17.50 9.34
CA ILE B 407 45.84 17.61 9.98
C ILE B 407 46.42 19.01 9.79
N SER B 408 46.26 19.59 8.59
CA SER B 408 46.79 20.92 8.34
C SER B 408 46.07 21.97 9.19
N ASN B 409 44.74 21.89 9.28
CA ASN B 409 44.01 22.82 10.14
C ASN B 409 44.31 22.59 11.60
N ALA B 410 44.73 21.37 11.98
CA ALA B 410 45.09 21.10 13.37
C ALA B 410 46.36 21.86 13.76
N SER B 411 47.37 21.85 12.88
CA SER B 411 48.61 22.55 13.17
C SER B 411 48.42 24.06 13.24
N SER B 412 47.31 24.59 12.71
CA SER B 412 47.09 26.02 12.72
C SER B 412 46.91 26.57 14.12
N GLY B 413 46.51 25.74 15.08
CA GLY B 413 46.34 26.16 16.44
C GLY B 413 47.62 26.32 17.24
N GLY B 414 48.77 26.30 16.59
CA GLY B 414 50.04 26.42 17.29
C GLY B 414 50.44 27.83 17.66
N LEU B 415 49.72 28.84 17.17
CA LEU B 415 50.03 30.21 17.54
C LEU B 415 49.68 30.46 19.01
N GLN B 416 48.48 30.04 19.42
CA GLN B 416 48.08 30.17 20.82
C GLN B 416 48.67 29.08 21.70
N ARG B 417 48.89 27.89 21.15
CA ARG B 417 49.36 26.75 21.93
C ARG B 417 50.30 25.93 21.06
N PRO B 418 51.61 26.15 21.19
CA PRO B 418 52.58 25.47 20.31
C PRO B 418 52.67 23.96 20.54
N ASP B 419 51.98 23.41 21.53
CA ASP B 419 52.08 21.98 21.80
C ASP B 419 51.15 21.13 20.93
N ILE B 420 50.27 21.76 20.16
CA ILE B 420 49.46 21.00 19.21
C ILE B 420 50.35 20.33 18.18
N ILE B 421 51.32 21.08 17.65
CA ILE B 421 52.35 20.47 16.80
C ILE B 421 53.16 19.46 17.59
N ARG B 422 53.48 19.78 18.85
CA ARG B 422 54.20 18.85 19.71
C ARG B 422 53.46 17.53 19.85
N TYR B 423 52.12 17.58 19.91
CA TYR B 423 51.33 16.36 19.90
C TYR B 423 51.27 15.75 18.51
N LEU B 424 51.34 16.58 17.47
CA LEU B 424 51.24 16.08 16.10
C LEU B 424 52.55 15.44 15.63
N VAL B 425 53.69 16.00 16.04
CA VAL B 425 54.97 15.47 15.57
C VAL B 425 55.23 14.07 16.13
N SER B 426 54.69 13.76 17.30
CA SER B 426 54.96 12.46 17.93
C SER B 426 54.17 11.34 17.27
N GLN B 427 53.01 11.63 16.69
CA GLN B 427 52.19 10.60 16.07
C GLN B 427 52.69 10.15 14.71
N GLY B 428 53.80 10.71 14.23
CA GLY B 428 54.30 10.36 12.92
C GLY B 428 53.59 11.11 11.81
N CYS B 429 53.63 12.44 11.87
CA CYS B 429 52.88 13.28 10.96
C CYS B 429 53.72 13.85 9.82
N ILE B 430 55.03 14.04 10.04
CA ILE B 430 55.85 14.72 9.05
C ILE B 430 56.09 13.85 7.82
N LYS B 431 56.20 12.53 8.00
CA LYS B 431 56.47 11.67 6.85
C LYS B 431 55.27 11.54 5.92
N PRO B 432 54.05 11.23 6.40
CA PRO B 432 52.91 11.18 5.47
C PRO B 432 52.65 12.49 4.77
N LEU B 433 52.92 13.63 5.43
CA LEU B 433 52.77 14.92 4.77
C LEU B 433 53.78 15.08 3.63
N CYS B 434 55.03 14.69 3.87
CA CYS B 434 56.07 14.89 2.86
C CYS B 434 55.88 13.95 1.68
N ASP B 435 55.53 12.69 1.93
CA ASP B 435 55.26 11.76 0.85
C ASP B 435 54.03 12.17 0.04
N LEU B 436 53.16 13.00 0.60
CA LEU B 436 52.01 13.53 -0.12
C LEU B 436 52.38 14.61 -1.12
N LEU B 437 53.63 15.08 -1.10
CA LEU B 437 54.02 16.23 -1.93
C LEU B 437 53.98 15.90 -3.41
N GLU B 438 54.46 14.71 -3.79
CA GLU B 438 54.56 14.39 -5.21
C GLU B 438 53.23 13.94 -5.80
N ILE B 439 52.38 13.30 -4.99
CA ILE B 439 51.15 12.73 -5.52
C ILE B 439 50.04 13.78 -5.61
N ALA B 440 50.06 14.79 -4.75
CA ALA B 440 48.99 15.79 -4.72
C ALA B 440 49.26 16.88 -5.76
N ASP B 441 48.28 17.77 -5.69
CA ASP B 441 47.95 18.89 -6.55
C ASP B 441 48.02 20.30 -5.98
N ASN B 442 47.81 21.29 -6.83
CA ASN B 442 47.92 22.70 -6.45
C ASN B 442 47.16 23.01 -5.17
N ARG B 443 45.98 22.41 -4.97
CA ARG B 443 45.15 22.76 -3.81
C ARG B 443 45.54 22.02 -2.54
N ILE B 444 46.29 20.92 -2.64
CA ILE B 444 46.68 20.16 -1.47
C ILE B 444 48.13 20.39 -1.11
N ILE B 445 49.00 20.58 -2.10
CA ILE B 445 50.37 21.02 -1.84
C ILE B 445 50.34 22.34 -1.06
N GLU B 446 49.33 23.18 -1.32
CA GLU B 446 49.16 24.42 -0.57
C GLU B 446 48.95 24.14 0.91
N VAL B 447 47.97 23.30 1.24
CA VAL B 447 47.64 23.06 2.65
C VAL B 447 48.66 22.16 3.32
N THR B 448 49.31 21.27 2.57
CA THR B 448 50.37 20.45 3.15
C THR B 448 51.58 21.31 3.49
N LEU B 449 51.93 22.26 2.62
CA LEU B 449 52.99 23.22 2.94
C LEU B 449 52.61 24.07 4.14
N ASP B 450 51.35 24.46 4.23
CA ASP B 450 50.87 25.21 5.40
C ASP B 450 51.04 24.38 6.66
N ALA B 451 50.80 23.07 6.57
CA ALA B 451 51.03 22.18 7.71
C ALA B 451 52.53 22.09 8.02
N LEU B 452 53.34 21.84 7.00
CA LEU B 452 54.79 21.76 7.21
C LEU B 452 55.37 23.09 7.66
N GLU B 453 54.78 24.20 7.23
CA GLU B 453 55.28 25.51 7.66
C GLU B 453 54.96 25.75 9.13
N ASN B 454 53.69 25.60 9.52
CA ASN B 454 53.33 25.81 10.93
C ASN B 454 54.04 24.83 11.85
N ILE B 455 54.44 23.67 11.32
CA ILE B 455 55.36 22.80 12.07
C ILE B 455 56.72 23.46 12.20
N LEU B 456 57.25 23.98 11.08
CA LEU B 456 58.55 24.66 11.12
C LEU B 456 58.48 25.92 11.97
N LYS B 457 57.38 26.67 11.88
CA LYS B 457 57.25 27.91 12.64
C LYS B 457 57.28 27.65 14.14
N MET B 458 56.78 26.49 14.58
CA MET B 458 56.84 26.15 15.99
C MET B 458 58.27 25.85 16.41
N GLY B 459 59.04 25.15 15.58
CA GLY B 459 60.42 24.86 15.91
C GLY B 459 61.30 26.09 15.89
N GLU B 460 60.91 27.11 15.13
CA GLU B 460 61.64 28.37 15.17
C GLU B 460 61.54 29.01 16.55
N ALA B 461 60.35 28.96 17.15
CA ALA B 461 60.18 29.39 18.54
C ALA B 461 60.73 28.39 19.54
N ASP B 462 61.06 27.17 19.11
CA ASP B 462 61.65 26.18 19.99
C ASP B 462 63.15 26.38 20.17
N LYS B 463 63.82 26.94 19.16
CA LYS B 463 65.26 27.16 19.23
C LYS B 463 65.63 28.55 19.74
N GLU B 464 64.65 29.37 20.10
CA GLU B 464 64.91 30.72 20.60
C GLU B 464 64.54 30.88 22.07
N ALA B 465 63.30 30.54 22.44
CA ALA B 465 62.94 30.53 23.85
C ALA B 465 63.68 29.43 24.60
N ARG B 466 63.78 28.24 24.00
CA ARG B 466 64.59 27.16 24.53
C ARG B 466 65.96 27.20 23.87
N GLY B 467 66.94 26.87 24.68
CA GLY B 467 68.25 27.02 24.17
C GLY B 467 68.57 25.93 23.21
N LEU B 468 68.50 26.35 21.96
CA LEU B 468 69.02 25.55 20.88
C LEU B 468 69.61 26.47 19.81
N ASN B 469 70.41 25.89 18.93
CA ASN B 469 71.01 26.63 17.82
C ASN B 469 70.65 26.03 16.47
N ILE B 470 69.81 25.01 16.45
CA ILE B 470 69.31 24.42 15.20
C ILE B 470 67.84 24.11 15.38
N ASN B 471 67.05 24.43 14.35
CA ASN B 471 65.62 24.12 14.34
C ASN B 471 65.45 22.66 13.92
N GLU B 472 64.93 21.83 14.82
CA GLU B 472 64.84 20.40 14.56
C GLU B 472 63.51 20.00 13.92
N ASN B 473 62.54 20.90 13.83
CA ASN B 473 61.37 20.60 13.01
C ASN B 473 61.75 20.44 11.54
N ALA B 474 62.90 20.97 11.14
CA ALA B 474 63.48 20.69 9.83
C ALA B 474 64.43 19.51 9.86
N ASP B 475 64.81 19.03 11.04
CA ASP B 475 65.72 17.89 11.12
C ASP B 475 65.06 16.61 10.59
N PHE B 476 63.82 16.36 10.97
CA PHE B 476 63.13 15.15 10.53
C PHE B 476 62.26 15.38 9.30
N ILE B 477 62.21 16.60 8.76
CA ILE B 477 61.57 16.80 7.47
C ILE B 477 62.36 16.10 6.37
N GLU B 478 63.69 16.26 6.38
CA GLU B 478 64.54 15.56 5.44
C GLU B 478 64.95 14.18 5.92
N LYS B 479 64.79 13.87 7.21
CA LYS B 479 64.89 12.49 7.64
C LYS B 479 63.84 11.63 6.94
N ALA B 480 62.73 12.25 6.55
CA ALA B 480 61.71 11.60 5.74
C ALA B 480 61.80 11.97 4.26
N GLY B 481 62.79 12.75 3.88
CA GLY B 481 62.92 13.16 2.48
C GLY B 481 61.98 14.26 2.08
N GLY B 482 61.77 15.26 2.93
CA GLY B 482 60.85 16.34 2.63
C GLY B 482 61.51 17.59 2.13
N MET B 483 62.74 17.86 2.60
CA MET B 483 63.46 19.06 2.17
C MET B 483 63.74 19.04 0.67
N GLU B 484 63.92 17.85 0.09
CA GLU B 484 64.12 17.76 -1.35
C GLU B 484 62.82 18.05 -2.11
N LYS B 485 61.69 17.56 -1.60
CA LYS B 485 60.42 17.77 -2.28
C LYS B 485 59.97 19.22 -2.21
N ILE B 486 60.13 19.86 -1.04
CA ILE B 486 59.78 21.28 -0.94
C ILE B 486 60.70 22.13 -1.80
N PHE B 487 61.96 21.70 -1.98
CA PHE B 487 62.86 22.40 -2.88
C PHE B 487 62.46 22.21 -4.33
N ASN B 488 61.86 21.06 -4.65
CA ASN B 488 61.34 20.80 -5.99
C ASN B 488 59.93 21.32 -6.18
N CYS B 489 59.34 21.97 -5.17
CA CYS B 489 58.08 22.66 -5.32
C CYS B 489 58.23 24.08 -5.85
N GLN B 490 59.47 24.59 -5.91
CA GLN B 490 59.72 25.89 -6.50
C GLN B 490 59.65 25.87 -8.02
N GLN B 491 59.51 24.70 -8.64
CA GLN B 491 59.47 24.59 -10.09
C GLN B 491 58.06 24.71 -10.65
N ASN B 492 57.03 24.40 -9.85
CA ASN B 492 55.66 24.50 -10.33
C ASN B 492 55.28 25.97 -10.52
N GLU B 493 54.54 26.25 -11.58
CA GLU B 493 54.26 27.61 -12.01
C GLU B 493 53.07 28.24 -11.30
N ASN B 494 52.39 27.52 -10.41
CA ASN B 494 51.35 28.13 -9.60
C ASN B 494 51.96 29.22 -8.73
N ASP B 495 51.34 30.39 -8.72
CA ASP B 495 51.89 31.54 -8.01
C ASP B 495 51.95 31.27 -6.52
N LYS B 496 50.82 30.94 -5.91
CA LYS B 496 50.74 30.87 -4.45
C LYS B 496 51.64 29.79 -3.87
N ILE B 497 51.88 28.70 -4.61
CA ILE B 497 52.72 27.65 -4.05
C ILE B 497 54.20 27.96 -4.27
N TYR B 498 54.55 28.69 -5.34
CA TYR B 498 55.93 29.11 -5.51
C TYR B 498 56.29 30.23 -4.54
N GLU B 499 55.33 31.12 -4.25
CA GLU B 499 55.59 32.19 -3.28
C GLU B 499 55.81 31.63 -1.89
N LYS B 500 55.19 30.50 -1.56
CA LYS B 500 55.29 29.93 -0.22
C LYS B 500 56.40 28.88 -0.12
N ALA B 501 56.51 27.98 -1.09
CA ALA B 501 57.58 26.99 -1.06
C ALA B 501 58.95 27.67 -1.08
N TYR B 502 59.09 28.75 -1.85
CA TYR B 502 60.33 29.49 -1.89
C TYR B 502 60.54 30.34 -0.63
N LYS B 503 59.45 30.76 0.02
CA LYS B 503 59.59 31.59 1.22
C LYS B 503 59.97 30.74 2.42
N ILE B 504 59.30 29.60 2.61
CA ILE B 504 59.61 28.76 3.77
C ILE B 504 60.93 28.02 3.59
N ILE B 505 61.42 27.89 2.36
CA ILE B 505 62.72 27.23 2.18
C ILE B 505 63.86 28.21 2.39
N GLU B 506 63.62 29.51 2.20
CA GLU B 506 64.62 30.50 2.57
C GLU B 506 64.56 30.80 4.06
N THR B 507 63.39 30.68 4.68
CA THR B 507 63.24 31.03 6.09
C THR B 507 63.85 29.97 7.00
N TYR B 508 63.93 28.72 6.54
CA TYR B 508 64.37 27.63 7.38
C TYR B 508 65.48 26.77 6.78
N PHE B 509 65.92 27.05 5.56
CA PHE B 509 66.96 26.25 4.94
C PHE B 509 67.96 27.12 4.18
#